data_6G6O
#
_entry.id   6G6O
#
_cell.length_a   218.609
_cell.length_b   218.609
_cell.length_c   53.569
_cell.angle_alpha   90.00
_cell.angle_beta   90.00
_cell.angle_gamma   120.00
#
_symmetry.space_group_name_H-M   'P 63'
#
loop_
_entity.id
_entity.type
_entity.pdbx_description
1 polymer Ika8
2 non-polymer GLYCEROL
3 water water
#
_entity_poly.entity_id   1
_entity_poly.type   'polypeptide(L)'
_entity_poly.pdbx_seq_one_letter_code
;GSHMGQELVSLEGHQSAITALAFSKNIVVSGAADGTIKVWDILTGQLLRDHDGHQSEVTALQFKDNIVVSGAKDGTVKVW
YIGTGQELVSLEGHQSAITALAFSKNIVVSGAADGTIKVWDILTGQLLRDHDGHQSEVTALQFKDNIVVSGAKDGTVKVW
YIGTGQELVSLEGHQSAITALAFSKNIVVSGAADGTIKVWDILTGQLLRDHDGHQSEVTALQFKDNIVVSGAKDGTVKVW
YIGTGQELVSLEGHQSAITALAFSKNIVVSGAADGTIKVWDILTGQLLRDHDGHQSEVTALQFKDNIVVSGAKDGTVKVW
YIGT
;
_entity_poly.pdbx_strand_id   A,B,C
#
loop_
_chem_comp.id
_chem_comp.type
_chem_comp.name
_chem_comp.formula
GOL non-polymer GLYCEROL 'C3 H8 O3'
#
# COMPACT_ATOMS: atom_id res chain seq x y z
N GLY A 5 19.81 21.68 0.84
CA GLY A 5 20.01 20.76 1.95
C GLY A 5 20.22 21.46 3.27
N GLN A 6 19.25 22.28 3.67
CA GLN A 6 19.34 23.08 4.88
C GLN A 6 18.12 22.78 5.75
N GLU A 7 17.86 23.65 6.72
CA GLU A 7 16.66 23.55 7.53
C GLU A 7 15.45 24.06 6.76
N LEU A 8 14.34 23.36 6.89
CA LEU A 8 13.11 23.75 6.20
C LEU A 8 12.32 24.78 6.99
N VAL A 9 12.23 24.61 8.31
CA VAL A 9 11.50 25.54 9.17
C VAL A 9 12.23 25.67 10.50
N SER A 10 11.89 26.70 11.24
CA SER A 10 12.44 26.96 12.56
C SER A 10 11.35 26.77 13.61
N LEU A 11 11.56 25.80 14.50
CA LEU A 11 10.63 25.50 15.57
C LEU A 11 11.25 25.89 16.91
N GLU A 12 10.44 26.50 17.78
CA GLU A 12 10.97 27.01 19.05
C GLU A 12 11.40 25.87 19.98
N GLY A 13 10.63 24.80 20.02
CA GLY A 13 10.97 23.66 20.86
C GLY A 13 10.44 23.80 22.28
N HIS A 14 11.10 23.09 23.19
CA HIS A 14 10.68 22.98 24.58
C HIS A 14 11.69 23.61 25.50
N GLN A 15 11.27 23.80 26.76
CA GLN A 15 12.11 24.35 27.81
C GLN A 15 12.90 23.27 28.54
N SER A 16 12.80 22.01 28.12
CA SER A 16 13.53 20.92 28.75
C SER A 16 13.89 19.91 27.67
N ALA A 17 14.72 18.94 28.05
CA ALA A 17 15.26 17.97 27.11
C ALA A 17 14.15 17.28 26.32
N ILE A 18 14.42 17.05 25.03
CA ILE A 18 13.51 16.29 24.20
C ILE A 18 13.67 14.82 24.54
N THR A 19 12.57 14.17 24.90
CA THR A 19 12.60 12.77 25.30
C THR A 19 11.77 11.86 24.41
N ALA A 20 10.99 12.42 23.49
CA ALA A 20 10.18 11.61 22.58
C ALA A 20 9.88 12.43 21.34
N LEU A 21 9.86 11.77 20.18
CA LEU A 21 9.68 12.46 18.92
C LEU A 21 8.91 11.56 17.96
N ALA A 22 7.88 12.12 17.33
CA ALA A 22 7.09 11.41 16.34
C ALA A 22 6.83 12.32 15.16
N PHE A 23 6.75 11.74 13.97
CA PHE A 23 6.66 12.51 12.73
C PHE A 23 5.78 11.76 11.74
N SER A 24 4.67 12.40 11.34
CA SER A 24 3.75 11.83 10.38
C SER A 24 3.19 12.94 9.49
N LYS A 25 3.16 12.70 8.19
CA LYS A 25 2.68 13.65 7.17
C LYS A 25 3.54 14.90 7.28
N ASN A 26 2.99 16.06 7.62
CA ASN A 26 3.77 17.27 7.81
C ASN A 26 3.60 17.81 9.24
N ILE A 27 3.35 16.90 10.18
CA ILE A 27 3.13 17.25 11.57
C ILE A 27 4.19 16.57 12.41
N VAL A 28 4.75 17.32 13.36
CA VAL A 28 5.74 16.79 14.30
C VAL A 28 5.15 16.88 15.69
N VAL A 29 5.24 15.79 16.45
CA VAL A 29 4.84 15.75 17.85
C VAL A 29 6.10 15.52 18.67
N SER A 30 6.37 16.42 19.61
CA SER A 30 7.55 16.34 20.45
C SER A 30 7.15 16.34 21.92
N GLY A 31 7.82 15.52 22.72
CA GLY A 31 7.62 15.48 24.15
C GLY A 31 8.91 15.80 24.86
N ALA A 32 8.79 16.44 26.02
CA ALA A 32 9.94 16.89 26.78
C ALA A 32 9.93 16.28 28.18
N ALA A 33 11.06 16.41 28.87
CA ALA A 33 11.22 15.83 30.19
C ALA A 33 10.36 16.52 31.24
N ASP A 34 9.81 17.70 30.96
CA ASP A 34 8.93 18.37 31.89
C ASP A 34 7.47 18.00 31.71
N GLY A 35 7.18 17.04 30.84
CA GLY A 35 5.83 16.62 30.57
C GLY A 35 5.13 17.33 29.44
N THR A 36 5.76 18.35 28.86
CA THR A 36 5.12 19.15 27.82
C THR A 36 5.18 18.42 26.48
N ILE A 37 4.04 18.43 25.78
CA ILE A 37 3.94 17.89 24.43
C ILE A 37 3.53 19.03 23.51
N LYS A 38 4.24 19.16 22.39
CA LYS A 38 3.97 20.23 21.43
C LYS A 38 3.77 19.64 20.04
N VAL A 39 2.82 20.20 19.31
CA VAL A 39 2.48 19.76 17.96
C VAL A 39 2.90 20.85 16.98
N TRP A 40 3.76 20.48 16.03
CA TRP A 40 4.36 21.43 15.11
C TRP A 40 3.81 21.26 13.70
N ASP A 41 3.83 22.34 12.94
CA ASP A 41 3.47 22.35 11.53
C ASP A 41 4.77 22.45 10.73
N ILE A 42 5.13 21.38 10.02
CA ILE A 42 6.37 21.38 9.27
C ILE A 42 6.30 22.35 8.10
N LEU A 43 5.12 22.53 7.52
CA LEU A 43 5.00 23.39 6.34
C LEU A 43 5.08 24.87 6.70
N THR A 44 4.59 25.26 7.88
CA THR A 44 4.59 26.66 8.29
C THR A 44 5.51 26.97 9.46
N GLY A 45 6.11 25.95 10.08
CA GLY A 45 6.96 26.17 11.24
C GLY A 45 6.24 26.54 12.51
N GLN A 46 4.94 26.81 12.45
CA GLN A 46 4.21 27.22 13.64
C GLN A 46 3.73 26.01 14.43
N LEU A 47 3.64 26.19 15.74
CA LEU A 47 3.07 25.15 16.60
C LEU A 47 1.56 25.15 16.47
N LEU A 48 0.97 23.97 16.30
CA LEU A 48 -0.48 23.88 16.24
C LEU A 48 -1.11 24.17 17.59
N ARG A 49 -0.53 23.64 18.66
CA ARG A 49 -1.10 23.79 19.98
C ARG A 49 -0.09 23.32 21.02
N ASP A 50 -0.35 23.72 22.27
CA ASP A 50 0.36 23.21 23.44
C ASP A 50 -0.53 22.17 24.09
N HIS A 51 -0.17 20.90 23.94
CA HIS A 51 -0.94 19.82 24.56
C HIS A 51 -0.79 19.90 26.08
N ASP A 52 -1.89 19.70 26.79
CA ASP A 52 -1.85 19.71 28.25
C ASP A 52 -0.88 18.66 28.79
N GLY A 53 -0.62 17.61 28.02
CA GLY A 53 0.41 16.64 28.29
C GLY A 53 0.23 15.90 29.60
N HIS A 54 1.34 15.36 30.08
CA HIS A 54 1.40 14.64 31.33
C HIS A 54 2.12 15.47 32.37
N GLN A 55 1.84 15.18 33.64
CA GLN A 55 2.54 15.81 34.75
C GLN A 55 3.92 15.20 34.99
N SER A 56 4.41 14.39 34.06
CA SER A 56 5.69 13.73 34.20
C SER A 56 6.36 13.64 32.84
N GLU A 57 7.65 13.34 32.85
CA GLU A 57 8.45 13.30 31.62
C GLU A 57 7.82 12.39 30.58
N VAL A 58 7.56 12.96 29.40
CA VAL A 58 7.10 12.16 28.27
C VAL A 58 8.21 11.22 27.86
N THR A 59 7.92 9.91 27.84
CA THR A 59 8.94 8.92 27.57
C THR A 59 8.80 8.25 26.21
N ALA A 60 7.62 8.26 25.60
CA ALA A 60 7.41 7.60 24.33
C ALA A 60 6.26 8.27 23.60
N LEU A 61 6.36 8.29 22.27
CA LEU A 61 5.33 8.89 21.43
C LEU A 61 5.04 7.96 20.26
N GLN A 62 3.75 7.79 19.95
CA GLN A 62 3.31 7.02 18.79
C GLN A 62 2.30 7.87 18.04
N PHE A 63 2.57 8.15 16.77
CA PHE A 63 1.75 9.05 15.96
C PHE A 63 1.38 8.32 14.68
N LYS A 64 0.12 7.93 14.56
CA LYS A 64 -0.37 7.18 13.41
C LYS A 64 -1.70 7.75 12.97
N ASP A 65 -1.84 7.98 11.67
CA ASP A 65 -3.03 8.59 11.09
C ASP A 65 -3.29 9.95 11.74
N ASN A 66 -4.33 10.04 12.57
CA ASN A 66 -4.65 11.27 13.29
C ASN A 66 -4.71 11.05 14.80
N ILE A 67 -4.10 9.97 15.29
CA ILE A 67 -4.15 9.61 16.70
C ILE A 67 -2.72 9.47 17.20
N VAL A 68 -2.42 10.14 18.31
CA VAL A 68 -1.12 10.07 18.95
C VAL A 68 -1.30 9.48 20.34
N VAL A 69 -0.47 8.49 20.65
CA VAL A 69 -0.43 7.86 21.97
C VAL A 69 0.84 8.30 22.66
N SER A 70 0.72 8.77 23.90
CA SER A 70 1.85 9.30 24.64
C SER A 70 1.92 8.65 26.01
N GLY A 71 3.11 8.16 26.37
CA GLY A 71 3.35 7.63 27.70
C GLY A 71 4.30 8.51 28.47
N ALA A 72 4.26 8.43 29.81
CA ALA A 72 5.05 9.31 30.65
C ALA A 72 5.80 8.50 31.69
N LYS A 73 6.57 9.21 32.52
CA LYS A 73 7.35 8.57 33.57
C LYS A 73 6.50 8.20 34.78
N ASP A 74 5.30 8.77 34.92
CA ASP A 74 4.41 8.43 36.02
C ASP A 74 3.49 7.27 35.70
N GLY A 75 3.60 6.68 34.51
CA GLY A 75 2.82 5.52 34.14
C GLY A 75 1.58 5.80 33.34
N THR A 76 1.25 7.07 33.09
CA THR A 76 0.07 7.39 32.32
C THR A 76 0.30 7.09 30.84
N VAL A 77 -0.75 6.61 30.17
CA VAL A 77 -0.76 6.45 28.73
C VAL A 77 -2.02 7.15 28.22
N LYS A 78 -1.83 8.15 27.35
CA LYS A 78 -2.93 8.97 26.87
C LYS A 78 -3.08 8.82 25.36
N VAL A 79 -4.32 8.83 24.91
CA VAL A 79 -4.68 8.72 23.49
C VAL A 79 -5.51 9.95 23.14
N TRP A 80 -5.05 10.74 22.18
CA TRP A 80 -5.73 12.00 21.90
C TRP A 80 -5.67 12.34 20.42
N TYR A 81 -6.56 13.24 20.03
CA TYR A 81 -6.69 13.67 18.65
C TYR A 81 -5.63 14.71 18.32
N ILE A 82 -4.91 14.50 17.20
CA ILE A 82 -3.82 15.42 16.85
C ILE A 82 -4.35 16.81 16.53
N GLY A 83 -5.57 16.90 15.98
CA GLY A 83 -6.09 18.19 15.57
C GLY A 83 -6.52 19.07 16.72
N THR A 84 -7.04 18.47 17.78
CA THR A 84 -7.53 19.23 18.92
C THR A 84 -6.76 18.96 20.21
N GLY A 85 -5.93 17.92 20.26
CA GLY A 85 -5.30 17.56 21.51
C GLY A 85 -6.25 16.99 22.54
N GLN A 86 -7.50 16.75 22.17
CA GLN A 86 -8.50 16.28 23.10
C GLN A 86 -8.36 14.78 23.33
N GLU A 87 -8.50 14.38 24.60
CA GLU A 87 -8.42 12.97 24.94
C GLU A 87 -9.53 12.19 24.24
N LEU A 88 -9.15 11.18 23.48
CA LEU A 88 -10.14 10.36 22.79
C LEU A 88 -10.71 9.29 23.72
N VAL A 89 -9.84 8.58 24.43
CA VAL A 89 -10.24 7.56 25.38
C VAL A 89 -9.28 7.59 26.56
N SER A 90 -9.76 7.11 27.70
CA SER A 90 -8.98 7.07 28.93
C SER A 90 -8.43 5.67 29.15
N LEU A 91 -7.12 5.57 29.27
CA LEU A 91 -6.45 4.32 29.63
C LEU A 91 -5.97 4.41 31.07
N GLU A 92 -6.08 3.30 31.80
CA GLU A 92 -5.59 3.27 33.18
C GLU A 92 -4.09 3.39 33.24
N GLY A 93 -3.38 2.97 32.20
CA GLY A 93 -1.94 3.02 32.19
C GLY A 93 -1.33 2.05 33.20
N HIS A 94 -0.01 2.14 33.32
CA HIS A 94 0.75 1.31 34.23
C HIS A 94 0.99 2.02 35.55
N GLN A 95 1.35 1.24 36.56
N GLN A 95 1.37 1.23 36.56
CA GLN A 95 1.73 1.80 37.85
CA GLN A 95 1.74 1.77 37.86
C GLN A 95 3.19 2.26 37.88
C GLN A 95 3.19 2.19 37.92
N SER A 96 4.00 1.85 36.92
CA SER A 96 5.40 2.22 36.84
C SER A 96 5.64 2.99 35.55
N ALA A 97 6.88 3.45 35.37
CA ALA A 97 7.21 4.34 34.26
C ALA A 97 7.03 3.65 32.93
N ILE A 98 6.28 4.28 32.02
CA ILE A 98 6.16 3.81 30.65
C ILE A 98 7.52 3.90 29.97
N THR A 99 8.00 2.78 29.44
CA THR A 99 9.30 2.75 28.78
C THR A 99 9.23 2.33 27.32
N ALA A 100 8.10 1.83 26.85
CA ALA A 100 7.98 1.41 25.46
C ALA A 100 6.53 1.52 25.04
N LEU A 101 6.33 1.95 23.79
CA LEU A 101 5.01 2.08 23.20
C LEU A 101 5.02 1.46 21.82
N ALA A 102 3.94 0.75 21.49
CA ALA A 102 3.73 0.21 20.16
C ALA A 102 2.29 0.53 19.76
N PHE A 103 2.11 0.84 18.47
CA PHE A 103 0.81 1.27 17.97
C PHE A 103 0.60 0.64 16.60
N SER A 104 -0.44 -0.18 16.48
CA SER A 104 -0.78 -0.82 15.22
C SER A 104 -2.28 -1.03 15.18
N LYS A 105 -2.88 -0.73 14.02
CA LYS A 105 -4.33 -0.78 13.85
C LYS A 105 -5.02 0.03 14.93
N ASN A 106 -5.86 -0.62 15.74
CA ASN A 106 -6.53 0.03 16.87
C ASN A 106 -6.05 -0.52 18.20
N ILE A 107 -4.84 -1.06 18.24
CA ILE A 107 -4.28 -1.67 19.44
C ILE A 107 -3.04 -0.91 19.86
N VAL A 108 -2.93 -0.63 21.16
CA VAL A 108 -1.75 -0.02 21.76
C VAL A 108 -1.16 -1.00 22.76
N VAL A 109 0.14 -1.27 22.61
CA VAL A 109 0.87 -2.11 23.54
C VAL A 109 1.89 -1.23 24.25
N SER A 110 1.80 -1.15 25.58
CA SER A 110 2.69 -0.32 26.38
C SER A 110 3.52 -1.20 27.30
N GLY A 111 4.84 -0.95 27.31
CA GLY A 111 5.72 -1.59 28.26
C GLY A 111 6.08 -0.63 29.38
N ALA A 112 6.45 -1.20 30.52
CA ALA A 112 6.74 -0.41 31.71
C ALA A 112 8.09 -0.82 32.29
N ALA A 113 8.57 0.01 33.22
CA ALA A 113 9.87 -0.22 33.84
C ALA A 113 9.86 -1.37 34.83
N ASP A 114 8.68 -1.76 35.32
CA ASP A 114 8.59 -2.93 36.18
C ASP A 114 8.49 -4.23 35.39
N GLY A 115 8.46 -4.15 34.06
CA GLY A 115 8.36 -5.31 33.21
C GLY A 115 6.97 -5.60 32.68
N THR A 116 5.95 -4.91 33.19
CA THR A 116 4.59 -5.20 32.79
C THR A 116 4.33 -4.75 31.36
N ILE A 117 3.52 -5.52 30.64
CA ILE A 117 3.09 -5.21 29.29
C ILE A 117 1.58 -5.25 29.24
N LYS A 118 0.97 -4.16 28.77
CA LYS A 118 -0.48 -4.07 28.69
C LYS A 118 -0.89 -3.80 27.25
N VAL A 119 -2.07 -4.30 26.89
CA VAL A 119 -2.61 -4.19 25.55
C VAL A 119 -3.96 -3.49 25.64
N TRP A 120 -4.10 -2.36 24.94
CA TRP A 120 -5.29 -1.54 25.02
C TRP A 120 -6.02 -1.53 23.68
N ASP A 121 -7.32 -1.26 23.74
CA ASP A 121 -8.15 -1.04 22.57
C ASP A 121 -8.47 0.45 22.53
N ILE A 122 -7.92 1.15 21.55
CA ILE A 122 -8.11 2.60 21.47
C ILE A 122 -9.54 2.99 21.13
N LEU A 123 -10.39 2.01 20.81
CA LEU A 123 -11.80 2.30 20.55
C LEU A 123 -12.58 2.41 21.85
N THR A 124 -12.27 1.56 22.83
CA THR A 124 -12.97 1.57 24.11
C THR A 124 -12.08 1.89 25.30
N GLY A 125 -10.75 1.89 25.12
CA GLY A 125 -9.86 2.06 26.25
C GLY A 125 -9.78 0.88 27.18
N GLN A 126 -10.56 -0.17 26.93
CA GLN A 126 -10.56 -1.34 27.80
C GLN A 126 -9.22 -2.06 27.72
N LEU A 127 -8.80 -2.64 28.85
CA LEU A 127 -7.56 -3.39 28.92
C LEU A 127 -7.79 -4.77 28.36
N LEU A 128 -7.15 -5.09 27.23
CA LEU A 128 -7.34 -6.38 26.59
C LEU A 128 -6.48 -7.46 27.26
N ARG A 129 -5.19 -7.18 27.42
CA ARG A 129 -4.27 -8.10 28.09
C ARG A 129 -3.36 -7.32 29.01
N ASP A 130 -3.18 -7.84 30.23
CA ASP A 130 -2.39 -7.20 31.28
C ASP A 130 -1.53 -8.30 31.92
N HIS A 131 -0.43 -8.65 31.25
CA HIS A 131 0.45 -9.68 31.75
C HIS A 131 1.69 -9.08 32.39
N ASP A 132 2.29 -9.85 33.31
CA ASP A 132 3.51 -9.40 33.98
C ASP A 132 4.67 -9.25 33.01
N GLY A 133 4.62 -9.96 31.88
CA GLY A 133 5.65 -9.84 30.85
C GLY A 133 7.03 -10.25 31.31
N HIS A 134 7.85 -9.25 31.66
CA HIS A 134 9.24 -9.48 32.04
C HIS A 134 9.45 -9.14 33.51
N GLN A 135 10.49 -9.74 34.09
CA GLN A 135 10.99 -9.35 35.41
C GLN A 135 12.07 -8.29 35.32
N SER A 136 12.00 -7.43 34.30
CA SER A 136 13.01 -6.42 34.05
C SER A 136 12.38 -5.33 33.19
N GLU A 137 12.99 -4.16 33.21
CA GLU A 137 12.48 -3.02 32.46
C GLU A 137 12.37 -3.35 30.98
N VAL A 138 11.17 -3.18 30.42
CA VAL A 138 10.97 -3.39 29.00
C VAL A 138 11.68 -2.27 28.23
N THR A 139 12.63 -2.65 27.38
CA THR A 139 13.40 -1.68 26.61
C THR A 139 13.01 -1.62 25.15
N ALA A 140 12.35 -2.63 24.61
CA ALA A 140 11.97 -2.66 23.21
C ALA A 140 10.58 -3.28 23.06
N LEU A 141 9.85 -2.80 22.06
CA LEU A 141 8.47 -3.24 21.84
C LEU A 141 8.14 -3.11 20.35
N GLN A 142 7.99 -4.25 19.68
CA GLN A 142 7.52 -4.28 18.29
C GLN A 142 6.24 -5.08 18.24
N PHE A 143 5.23 -4.53 17.55
CA PHE A 143 3.90 -5.13 17.53
C PHE A 143 3.33 -5.03 16.12
N LYS A 144 3.11 -6.19 15.49
CA LYS A 144 2.49 -6.28 14.18
C LYS A 144 1.65 -7.54 14.12
N ASP A 145 0.51 -7.47 13.42
CA ASP A 145 -0.31 -8.63 13.09
C ASP A 145 -0.70 -9.42 14.33
N ASN A 146 -1.22 -8.71 15.33
CA ASN A 146 -1.67 -9.29 16.60
C ASN A 146 -0.55 -10.06 17.31
N ILE A 147 0.70 -9.77 16.98
CA ILE A 147 1.85 -10.43 17.59
C ILE A 147 2.72 -9.35 18.24
N VAL A 148 3.00 -9.52 19.53
CA VAL A 148 3.84 -8.59 20.28
C VAL A 148 5.16 -9.28 20.56
N VAL A 149 6.26 -8.60 20.22
CA VAL A 149 7.61 -9.07 20.52
C VAL A 149 8.26 -8.02 21.41
N SER A 150 8.63 -8.42 22.62
CA SER A 150 9.12 -7.50 23.64
C SER A 150 10.53 -7.89 24.08
N GLY A 151 11.32 -6.87 24.41
CA GLY A 151 12.63 -7.09 24.98
C GLY A 151 12.77 -6.34 26.30
N ALA A 152 13.72 -6.79 27.11
CA ALA A 152 13.88 -6.26 28.45
C ALA A 152 15.34 -6.00 28.74
N LYS A 153 15.58 -5.29 29.85
CA LYS A 153 16.92 -4.89 30.25
C LYS A 153 17.81 -6.05 30.66
N ASP A 154 17.24 -7.25 30.88
CA ASP A 154 18.02 -8.41 31.28
C ASP A 154 18.37 -9.32 30.12
N GLY A 155 17.98 -8.96 28.90
CA GLY A 155 18.29 -9.76 27.73
C GLY A 155 17.19 -10.71 27.30
N THR A 156 16.08 -10.76 28.01
CA THR A 156 14.99 -11.66 27.66
C THR A 156 14.17 -11.09 26.52
N VAL A 157 13.72 -11.96 25.62
CA VAL A 157 12.87 -11.60 24.49
C VAL A 157 11.71 -12.58 24.45
N LYS A 158 10.49 -12.07 24.42
CA LYS A 158 9.29 -12.89 24.44
C LYS A 158 8.39 -12.54 23.26
N VAL A 159 7.55 -13.51 22.88
CA VAL A 159 6.60 -13.36 21.80
C VAL A 159 5.22 -13.75 22.30
N TRP A 160 4.29 -12.80 22.29
CA TRP A 160 2.92 -13.03 22.72
C TRP A 160 1.97 -12.85 21.53
N TYR A 161 0.87 -13.60 21.55
CA TYR A 161 -0.21 -13.41 20.59
C TYR A 161 -1.38 -12.74 21.31
N ILE A 162 -1.79 -11.58 20.80
CA ILE A 162 -2.84 -10.81 21.45
C ILE A 162 -4.15 -11.58 21.42
N GLY A 163 -4.88 -11.54 22.53
CA GLY A 163 -6.11 -12.29 22.66
C GLY A 163 -5.91 -13.60 23.39
N THR A 164 -4.99 -14.42 22.88
CA THR A 164 -4.64 -15.66 23.58
C THR A 164 -3.93 -15.39 24.89
N GLY A 165 -3.17 -14.29 24.97
CA GLY A 165 -2.47 -13.92 26.18
C GLY A 165 -1.22 -14.72 26.48
N GLN A 166 -1.10 -15.92 25.93
CA GLN A 166 0.06 -16.76 26.18
C GLN A 166 1.12 -16.56 25.10
N GLU A 167 2.28 -17.17 25.31
CA GLU A 167 3.42 -17.00 24.43
C GLU A 167 3.37 -18.02 23.29
N LEU A 168 3.78 -17.58 22.10
CA LEU A 168 3.84 -18.47 20.94
C LEU A 168 5.06 -19.37 21.00
N VAL A 169 6.24 -18.78 21.22
CA VAL A 169 7.49 -19.51 21.34
C VAL A 169 8.31 -18.89 22.47
N SER A 170 9.34 -19.60 22.89
CA SER A 170 10.26 -19.14 23.93
C SER A 170 11.65 -19.00 23.33
N LEU A 171 12.24 -17.83 23.53
CA LEU A 171 13.54 -17.50 22.97
C LEU A 171 14.59 -17.42 24.08
N GLU A 172 15.81 -17.90 23.77
CA GLU A 172 16.88 -17.87 24.75
C GLU A 172 17.28 -16.44 25.11
N GLY A 173 17.10 -15.50 24.19
CA GLY A 173 17.43 -14.13 24.49
C GLY A 173 18.93 -13.88 24.52
N HIS A 174 19.30 -12.77 25.13
CA HIS A 174 20.68 -12.32 25.19
C HIS A 174 21.15 -12.27 26.64
N GLN A 175 22.46 -12.10 26.81
CA GLN A 175 23.05 -11.84 28.11
C GLN A 175 23.22 -10.35 28.38
N SER A 176 22.59 -9.49 27.59
CA SER A 176 22.71 -8.05 27.74
C SER A 176 21.38 -7.41 27.38
N ALA A 177 21.21 -6.18 27.88
CA ALA A 177 19.95 -5.46 27.69
C ALA A 177 19.61 -5.34 26.21
N ILE A 178 18.34 -5.58 25.89
CA ILE A 178 17.88 -5.46 24.52
C ILE A 178 17.77 -3.99 24.15
N THR A 179 18.34 -3.61 23.01
CA THR A 179 18.25 -2.24 22.51
C THR A 179 17.23 -2.09 21.39
N ALA A 180 17.09 -3.08 20.52
CA ALA A 180 16.09 -3.04 19.47
C ALA A 180 15.85 -4.45 18.95
N LEU A 181 14.74 -4.62 18.23
CA LEU A 181 14.38 -5.90 17.65
C LEU A 181 13.36 -5.67 16.54
N ALA A 182 13.11 -6.74 15.77
CA ALA A 182 12.13 -6.70 14.69
C ALA A 182 11.74 -8.14 14.34
N PHE A 183 10.64 -8.29 13.60
CA PHE A 183 10.12 -9.62 13.32
C PHE A 183 9.19 -9.58 12.11
N SER A 184 9.22 -10.69 11.35
CA SER A 184 8.34 -10.92 10.20
C SER A 184 8.51 -12.35 9.69
N LYS A 185 7.42 -13.03 9.36
CA LYS A 185 7.40 -14.38 8.80
C LYS A 185 7.75 -15.45 9.83
N ASN A 186 8.99 -15.90 9.74
CA ASN A 186 9.56 -17.03 10.46
C ASN A 186 10.69 -16.54 11.35
N ILE A 187 10.99 -15.24 11.29
CA ILE A 187 12.25 -14.66 11.74
C ILE A 187 11.93 -13.62 12.80
N VAL A 188 12.62 -13.71 13.92
CA VAL A 188 12.68 -12.66 14.92
C VAL A 188 14.15 -12.31 15.07
N VAL A 189 14.48 -11.03 14.90
CA VAL A 189 15.85 -10.56 15.07
C VAL A 189 15.87 -9.60 16.24
N SER A 190 16.84 -9.78 17.14
CA SER A 190 16.99 -8.93 18.29
C SER A 190 18.45 -8.51 18.41
N GLY A 191 18.66 -7.35 19.02
CA GLY A 191 20.01 -6.86 19.26
C GLY A 191 20.16 -6.38 20.67
N ALA A 192 21.29 -6.73 21.29
CA ALA A 192 21.57 -6.39 22.68
C ALA A 192 22.67 -5.34 22.75
N ALA A 193 22.80 -4.75 23.94
CA ALA A 193 23.75 -3.67 24.16
C ALA A 193 25.20 -4.10 24.03
N ASP A 194 25.49 -5.40 24.04
CA ASP A 194 26.86 -5.89 23.93
C ASP A 194 27.30 -6.08 22.49
N GLY A 195 26.49 -5.67 21.52
CA GLY A 195 26.81 -5.83 20.12
C GLY A 195 26.31 -7.10 19.47
N THR A 196 25.80 -8.04 20.26
CA THR A 196 25.33 -9.30 19.70
C THR A 196 24.01 -9.10 18.95
N ILE A 197 23.84 -9.84 17.86
CA ILE A 197 22.61 -9.82 17.08
C ILE A 197 22.18 -11.26 16.87
N LYS A 198 20.95 -11.57 17.25
CA LYS A 198 20.45 -12.95 17.22
C LYS A 198 19.19 -13.02 16.37
N VAL A 199 19.18 -13.97 15.44
CA VAL A 199 18.06 -14.17 14.51
C VAL A 199 17.35 -15.45 14.93
N TRP A 200 16.07 -15.33 15.25
CA TRP A 200 15.28 -16.44 15.79
C TRP A 200 14.25 -16.91 14.79
N ASP A 201 13.71 -18.09 15.07
CA ASP A 201 12.61 -18.66 14.30
C ASP A 201 11.32 -18.45 15.09
N ILE A 202 10.35 -17.75 14.50
CA ILE A 202 9.13 -17.40 15.21
C ILE A 202 8.30 -18.62 15.58
N LEU A 203 8.54 -19.76 14.94
CA LEU A 203 7.82 -20.98 15.27
C LEU A 203 8.70 -22.10 15.78
N THR A 204 9.99 -22.13 15.42
CA THR A 204 10.89 -23.13 15.95
C THR A 204 11.54 -22.68 17.25
N GLY A 205 11.96 -21.42 17.31
CA GLY A 205 12.73 -20.93 18.43
C GLY A 205 14.22 -21.14 18.30
N GLN A 206 14.68 -21.69 17.18
CA GLN A 206 16.09 -21.97 16.99
C GLN A 206 16.86 -20.67 16.76
N LEU A 207 18.05 -20.59 17.37
CA LEU A 207 18.98 -19.51 17.08
C LEU A 207 19.57 -19.72 15.69
N LEU A 208 18.91 -19.16 14.67
CA LEU A 208 19.34 -19.40 13.30
C LEU A 208 20.67 -18.69 13.01
N ARG A 209 20.85 -17.49 13.56
CA ARG A 209 22.08 -16.75 13.40
C ARG A 209 22.43 -16.07 14.72
N ASP A 210 23.70 -16.15 15.11
CA ASP A 210 24.18 -15.51 16.34
C ASP A 210 25.51 -14.86 16.02
N HIS A 211 25.50 -13.55 15.86
CA HIS A 211 26.71 -12.78 15.58
C HIS A 211 27.08 -11.96 16.80
N ASP A 212 28.38 -11.82 17.05
CA ASP A 212 28.84 -11.01 18.17
C ASP A 212 28.88 -9.52 17.85
N GLY A 213 28.74 -9.16 16.57
CA GLY A 213 28.77 -7.76 16.19
C GLY A 213 30.18 -7.26 15.98
N HIS A 214 30.27 -6.00 15.56
CA HIS A 214 31.54 -5.36 15.27
C HIS A 214 31.86 -4.21 16.23
N GLN A 215 31.12 -4.09 17.34
CA GLN A 215 31.33 -3.02 18.29
C GLN A 215 31.11 -3.54 19.70
N SER A 216 31.65 -2.80 20.67
CA SER A 216 31.40 -3.01 22.09
C SER A 216 30.56 -1.87 22.62
N GLU A 217 29.56 -2.20 23.45
CA GLU A 217 28.61 -1.23 23.98
C GLU A 217 27.91 -0.47 22.87
N VAL A 218 26.93 -1.09 22.21
CA VAL A 218 26.14 -0.37 21.22
C VAL A 218 25.05 0.41 21.95
N THR A 219 24.73 1.58 21.40
CA THR A 219 23.74 2.48 22.00
C THR A 219 22.45 2.59 21.21
N ALA A 220 22.50 2.45 19.89
CA ALA A 220 21.33 2.56 19.06
C ALA A 220 21.38 1.51 17.97
N LEU A 221 20.21 0.99 17.61
CA LEU A 221 20.09 -0.02 16.56
C LEU A 221 18.92 0.35 15.65
N GLN A 222 18.98 -0.18 14.42
CA GLN A 222 17.91 0.02 13.45
C GLN A 222 17.88 -1.17 12.51
N PHE A 223 16.69 -1.71 12.27
CA PHE A 223 16.49 -2.84 11.38
C PHE A 223 15.59 -2.43 10.22
N LYS A 224 16.09 -2.57 9.01
CA LYS A 224 15.29 -2.37 7.80
C LYS A 224 15.64 -3.51 6.85
N ASP A 225 14.69 -4.41 6.62
CA ASP A 225 14.92 -5.66 5.88
C ASP A 225 16.01 -6.43 6.65
N ASN A 226 17.04 -6.96 5.99
CA ASN A 226 18.05 -7.77 6.65
C ASN A 226 19.34 -7.00 6.92
N ILE A 227 19.25 -5.69 7.12
CA ILE A 227 20.42 -4.84 7.31
C ILE A 227 20.29 -4.15 8.67
N VAL A 228 21.37 -4.16 9.44
CA VAL A 228 21.42 -3.55 10.77
C VAL A 228 22.34 -2.35 10.72
N VAL A 229 21.89 -1.24 11.30
CA VAL A 229 22.71 -0.06 11.51
C VAL A 229 22.96 0.07 13.01
N SER A 230 24.22 -0.02 13.41
CA SER A 230 24.59 -0.01 14.82
C SER A 230 25.48 1.19 15.11
N GLY A 231 25.12 1.95 16.14
CA GLY A 231 25.95 3.03 16.66
C GLY A 231 26.45 2.67 18.03
N ALA A 232 27.69 3.05 18.33
CA ALA A 232 28.34 2.68 19.57
C ALA A 232 28.85 3.92 20.29
N LYS A 233 29.34 3.71 21.52
CA LYS A 233 29.85 4.81 22.33
C LYS A 233 31.13 5.40 21.74
N ASP A 234 31.93 4.60 21.06
CA ASP A 234 33.16 5.09 20.46
C ASP A 234 32.91 5.92 19.20
N GLY A 235 31.65 6.15 18.83
CA GLY A 235 31.31 6.96 17.69
C GLY A 235 31.18 6.23 16.37
N THR A 236 31.34 4.91 16.38
CA THR A 236 31.33 4.15 15.14
C THR A 236 29.91 3.81 14.73
N VAL A 237 29.57 4.13 13.48
CA VAL A 237 28.28 3.77 12.87
C VAL A 237 28.57 2.72 11.80
N LYS A 238 28.01 1.53 11.97
CA LYS A 238 28.31 0.42 11.09
C LYS A 238 27.04 -0.13 10.45
N VAL A 239 27.21 -0.67 9.25
CA VAL A 239 26.13 -1.25 8.46
C VAL A 239 26.55 -2.66 8.05
N TRP A 240 25.78 -3.65 8.46
CA TRP A 240 26.15 -5.04 8.18
C TRP A 240 24.90 -5.88 7.96
N TYR A 241 25.11 -7.05 7.38
CA TYR A 241 24.02 -7.91 6.93
C TYR A 241 23.61 -8.88 8.03
N ILE A 242 22.29 -9.07 8.15
CA ILE A 242 21.75 -9.97 9.18
C ILE A 242 22.13 -11.41 8.88
N GLY A 243 22.17 -11.78 7.60
CA GLY A 243 22.38 -13.18 7.24
C GLY A 243 23.77 -13.69 7.59
N THR A 244 24.81 -12.89 7.29
CA THR A 244 26.18 -13.33 7.46
C THR A 244 26.98 -12.55 8.49
N GLY A 245 26.49 -11.40 8.94
CA GLY A 245 27.26 -10.56 9.83
C GLY A 245 28.32 -9.74 9.15
N GLN A 246 28.50 -9.87 7.85
CA GLN A 246 29.51 -9.11 7.13
C GLN A 246 29.09 -7.65 7.00
N GLU A 247 30.05 -6.76 7.14
CA GLU A 247 29.77 -5.34 6.97
C GLU A 247 29.44 -5.03 5.52
N LEU A 248 28.51 -4.11 5.31
CA LEU A 248 28.03 -3.80 3.96
C LEU A 248 28.58 -2.48 3.42
N VAL A 249 29.05 -1.58 4.28
CA VAL A 249 29.63 -0.32 3.84
C VAL A 249 30.45 0.24 4.99
N SER A 250 31.46 1.04 4.65
CA SER A 250 32.35 1.65 5.63
C SER A 250 32.00 3.11 5.80
N LEU A 251 31.55 3.48 7.00
CA LEU A 251 31.25 4.87 7.35
C LEU A 251 32.20 5.31 8.45
N GLU A 252 32.63 6.58 8.39
CA GLU A 252 33.55 7.08 9.38
C GLU A 252 32.88 7.36 10.71
N GLY A 253 31.59 7.65 10.71
CA GLY A 253 30.88 7.92 11.94
C GLY A 253 31.33 9.20 12.61
N HIS A 254 30.90 9.36 13.86
CA HIS A 254 31.17 10.55 14.64
C HIS A 254 32.37 10.32 15.55
N GLN A 255 32.88 11.42 16.09
CA GLN A 255 33.91 11.39 17.13
C GLN A 255 33.31 11.51 18.53
N SER A 256 32.01 11.21 18.66
CA SER A 256 31.31 11.25 19.92
C SER A 256 30.32 10.09 19.97
N ALA A 257 29.82 9.81 21.17
CA ALA A 257 28.93 8.67 21.36
C ALA A 257 27.67 8.80 20.51
N ILE A 258 27.38 7.76 19.72
CA ILE A 258 26.13 7.73 18.97
C ILE A 258 24.96 7.63 19.93
N THR A 259 24.02 8.58 19.81
CA THR A 259 22.86 8.61 20.68
C THR A 259 21.55 8.52 19.93
N ALA A 260 21.57 8.49 18.60
CA ALA A 260 20.35 8.43 17.82
C ALA A 260 20.68 7.93 16.42
N LEU A 261 19.77 7.14 15.85
CA LEU A 261 19.93 6.59 14.52
C LEU A 261 18.61 6.70 13.76
N ALA A 262 18.73 6.75 12.43
CA ALA A 262 17.57 6.74 11.56
C ALA A 262 17.96 6.09 10.24
N PHE A 263 17.01 5.38 9.65
CA PHE A 263 17.29 4.54 8.48
C PHE A 263 16.05 4.50 7.60
N SER A 264 16.18 4.97 6.37
CA SER A 264 15.05 5.02 5.44
C SER A 264 15.60 4.90 4.02
N LYS A 265 15.20 3.84 3.33
CA LYS A 265 15.66 3.55 1.97
C LYS A 265 17.17 3.38 2.02
N ASN A 266 17.96 4.20 1.31
CA ASN A 266 19.40 4.05 1.25
C ASN A 266 20.15 5.07 2.09
N ILE A 267 19.47 5.79 2.98
CA ILE A 267 20.05 6.90 3.71
C ILE A 267 20.01 6.58 5.20
N VAL A 268 21.17 6.69 5.85
CA VAL A 268 21.29 6.52 7.30
C VAL A 268 21.63 7.88 7.89
N VAL A 269 20.88 8.28 8.92
CA VAL A 269 21.15 9.50 9.68
C VAL A 269 21.50 9.10 11.10
N SER A 270 22.59 9.66 11.62
CA SER A 270 23.05 9.38 12.97
C SER A 270 23.24 10.67 13.73
N GLY A 271 22.79 10.69 14.98
CA GLY A 271 23.04 11.78 15.89
C GLY A 271 24.00 11.32 16.98
N ALA A 272 24.84 12.23 17.45
CA ALA A 272 25.83 11.94 18.47
C ALA A 272 25.55 12.75 19.73
N ALA A 273 26.28 12.39 20.79
CA ALA A 273 26.10 13.05 22.09
C ALA A 273 26.62 14.47 22.09
N ASP A 274 27.38 14.89 21.08
CA ASP A 274 27.86 16.26 20.98
C ASP A 274 26.98 17.12 20.09
N GLY A 275 25.89 16.57 19.55
CA GLY A 275 24.96 17.31 18.74
C GLY A 275 25.18 17.21 17.25
N THR A 276 26.31 16.65 16.80
CA THR A 276 26.57 16.51 15.39
C THR A 276 25.58 15.52 14.76
N ILE A 277 25.20 15.81 13.52
CA ILE A 277 24.27 14.98 12.77
C ILE A 277 24.87 14.75 11.38
N LYS A 278 25.17 13.49 11.07
CA LYS A 278 25.72 13.12 9.78
C LYS A 278 24.71 12.30 9.00
N VAL A 279 24.80 12.38 7.67
CA VAL A 279 23.87 11.72 6.77
C VAL A 279 24.67 11.05 5.67
N TRP A 280 24.52 9.74 5.53
CA TRP A 280 25.19 8.98 4.48
C TRP A 280 24.17 8.37 3.54
N ASP A 281 24.65 7.96 2.38
CA ASP A 281 23.91 7.07 1.49
C ASP A 281 24.51 5.68 1.66
N ILE A 282 23.67 4.72 2.06
CA ILE A 282 24.15 3.39 2.41
C ILE A 282 24.75 2.66 1.22
N LEU A 283 24.46 3.10 0.00
CA LEU A 283 24.94 2.41 -1.19
C LEU A 283 26.33 2.87 -1.60
N THR A 284 26.54 4.17 -1.70
CA THR A 284 27.84 4.72 -2.06
C THR A 284 28.73 4.99 -0.87
N GLY A 285 28.21 4.89 0.35
CA GLY A 285 28.97 5.23 1.53
C GLY A 285 29.36 6.68 1.65
N GLN A 286 28.89 7.54 0.74
CA GLN A 286 29.28 8.94 0.74
C GLN A 286 28.50 9.70 1.78
N LEU A 287 29.20 10.49 2.59
CA LEU A 287 28.57 11.41 3.53
C LEU A 287 27.76 12.44 2.75
N LEU A 288 26.44 12.28 2.72
CA LEU A 288 25.59 13.26 2.06
C LEU A 288 25.73 14.62 2.72
N ARG A 289 25.57 14.67 4.03
CA ARG A 289 25.68 15.91 4.78
C ARG A 289 26.20 15.61 6.18
N ASP A 290 27.00 16.53 6.71
CA ASP A 290 27.39 16.53 8.11
C ASP A 290 27.15 17.93 8.66
N HIS A 291 26.53 18.00 9.83
CA HIS A 291 26.24 19.29 10.43
C HIS A 291 26.29 19.16 11.94
N ASP A 292 26.77 20.22 12.60
CA ASP A 292 26.61 20.39 14.03
C ASP A 292 25.17 20.81 14.26
N GLY A 293 24.27 19.81 14.22
CA GLY A 293 22.85 20.10 14.23
C GLY A 293 22.39 20.80 15.50
N HIS A 294 22.79 20.28 16.64
CA HIS A 294 22.38 20.84 17.92
C HIS A 294 23.61 21.09 18.78
N GLN A 295 23.45 21.99 19.76
CA GLN A 295 24.49 22.24 20.75
C GLN A 295 24.46 21.23 21.89
N SER A 296 23.57 20.25 21.84
CA SER A 296 23.45 19.23 22.89
C SER A 296 23.22 17.88 22.23
N GLU A 297 23.30 16.84 23.07
CA GLU A 297 23.17 15.47 22.59
C GLU A 297 21.87 15.27 21.81
N VAL A 298 21.98 14.70 20.62
CA VAL A 298 20.81 14.33 19.85
C VAL A 298 20.14 13.13 20.52
N THR A 299 18.89 13.31 20.95
CA THR A 299 18.18 12.30 21.71
C THR A 299 17.10 11.57 20.94
N ALA A 300 16.67 12.11 19.80
CA ALA A 300 15.63 11.47 19.01
C ALA A 300 15.76 11.92 17.57
N LEU A 301 15.48 11.01 16.65
CA LEU A 301 15.52 11.29 15.22
C LEU A 301 14.28 10.72 14.55
N GLN A 302 13.73 11.47 13.61
CA GLN A 302 12.61 11.02 12.80
C GLN A 302 12.92 11.37 11.35
N PHE A 303 12.71 10.41 10.44
CA PHE A 303 13.15 10.54 9.06
C PHE A 303 12.03 10.01 8.16
N LYS A 304 11.42 10.90 7.38
CA LYS A 304 10.36 10.52 6.44
C LYS A 304 10.48 11.36 5.18
N ASP A 305 10.77 10.69 4.06
CA ASP A 305 10.77 11.31 2.73
C ASP A 305 11.75 12.49 2.66
N ASN A 306 13.02 12.17 2.88
CA ASN A 306 14.13 13.12 2.79
C ASN A 306 13.98 14.30 3.74
N ILE A 307 13.21 14.14 4.82
CA ILE A 307 13.06 15.16 5.85
C ILE A 307 13.53 14.56 7.17
N VAL A 308 14.50 15.20 7.81
CA VAL A 308 15.05 14.75 9.07
C VAL A 308 14.56 15.71 10.16
N VAL A 309 13.84 15.16 11.14
CA VAL A 309 13.46 15.89 12.35
C VAL A 309 14.31 15.35 13.49
N SER A 310 14.89 16.26 14.27
CA SER A 310 15.83 15.88 15.31
C SER A 310 15.47 16.58 16.61
N GLY A 311 15.69 15.87 17.73
CA GLY A 311 15.52 16.44 19.05
C GLY A 311 16.80 16.37 19.84
N ALA A 312 16.96 17.24 20.83
CA ALA A 312 18.22 17.34 21.57
C ALA A 312 17.95 17.60 23.05
N LYS A 313 19.01 17.45 23.84
CA LYS A 313 18.91 17.54 25.30
C LYS A 313 18.64 18.95 25.79
N ASP A 314 18.89 19.98 24.98
CA ASP A 314 18.58 21.34 25.41
C ASP A 314 17.15 21.74 25.09
N GLY A 315 16.41 20.89 24.38
CA GLY A 315 15.02 21.18 24.04
C GLY A 315 14.80 21.66 22.63
N THR A 316 15.85 21.74 21.81
CA THR A 316 15.70 22.24 20.45
C THR A 316 15.16 21.14 19.54
N VAL A 317 14.18 21.49 18.72
CA VAL A 317 13.66 20.62 17.67
C VAL A 317 13.97 21.29 16.34
N LYS A 318 14.58 20.53 15.43
CA LYS A 318 14.98 21.06 14.14
C LYS A 318 14.51 20.14 13.01
N VAL A 319 14.22 20.74 11.87
CA VAL A 319 13.72 20.05 10.69
C VAL A 319 14.69 20.30 9.56
N TRP A 320 15.31 19.23 9.06
CA TRP A 320 16.31 19.29 8.01
C TRP A 320 15.74 18.76 6.71
N TYR A 321 16.37 19.16 5.60
CA TYR A 321 16.02 18.65 4.28
C TYR A 321 17.22 17.94 3.68
N ILE A 322 16.98 16.78 3.08
CA ILE A 322 18.03 16.05 2.38
C ILE A 322 18.23 16.63 0.99
N GLY B 5 8.95 14.88 -23.90
CA GLY B 5 9.06 13.62 -24.63
C GLY B 5 10.45 13.32 -25.12
N GLN B 6 11.45 13.60 -24.28
CA GLN B 6 12.85 13.39 -24.60
C GLN B 6 13.50 12.53 -23.53
N GLU B 7 14.81 12.33 -23.67
CA GLU B 7 15.58 11.56 -22.71
C GLU B 7 16.03 12.45 -21.57
N LEU B 8 15.98 11.91 -20.34
CA LEU B 8 16.39 12.68 -19.17
C LEU B 8 17.91 12.67 -19.00
N VAL B 9 18.54 11.51 -19.17
CA VAL B 9 19.97 11.34 -18.89
C VAL B 9 20.55 10.37 -19.91
N SER B 10 21.75 10.69 -20.38
CA SER B 10 22.49 9.80 -21.27
C SER B 10 23.32 8.84 -20.42
N LEU B 11 22.99 7.56 -20.48
CA LEU B 11 23.68 6.52 -19.72
C LEU B 11 24.70 5.81 -20.60
N GLU B 12 25.85 5.49 -20.02
CA GLU B 12 26.90 4.82 -20.78
C GLU B 12 26.53 3.38 -21.10
N GLY B 13 25.70 2.75 -20.28
CA GLY B 13 25.28 1.39 -20.57
C GLY B 13 26.38 0.38 -20.29
N HIS B 14 26.22 -0.79 -20.89
CA HIS B 14 27.14 -1.92 -20.72
C HIS B 14 27.70 -2.33 -22.09
N GLN B 15 28.56 -3.35 -22.05
CA GLN B 15 29.20 -3.88 -23.26
C GLN B 15 28.51 -5.12 -23.80
N SER B 16 27.54 -5.67 -23.07
CA SER B 16 26.78 -6.82 -23.52
C SER B 16 25.30 -6.56 -23.30
N ALA B 17 24.46 -7.47 -23.82
CA ALA B 17 23.02 -7.26 -23.81
C ALA B 17 22.49 -7.07 -22.39
N ILE B 18 21.50 -6.20 -22.27
CA ILE B 18 20.89 -5.91 -20.97
C ILE B 18 19.91 -7.03 -20.64
N THR B 19 20.06 -7.62 -19.45
CA THR B 19 19.15 -8.68 -19.02
C THR B 19 18.00 -8.13 -18.20
N ALA B 20 18.29 -7.31 -17.19
CA ALA B 20 17.26 -6.70 -16.36
C ALA B 20 17.78 -5.36 -15.84
N LEU B 21 16.88 -4.60 -15.22
CA LEU B 21 17.25 -3.31 -14.66
C LEU B 21 16.19 -2.90 -13.64
N ALA B 22 16.55 -1.92 -12.82
CA ALA B 22 15.65 -1.36 -11.82
C ALA B 22 16.10 0.06 -11.52
N PHE B 23 15.14 0.91 -11.14
CA PHE B 23 15.45 2.31 -10.87
C PHE B 23 14.51 2.84 -9.79
N SER B 24 15.05 3.71 -8.94
CA SER B 24 14.29 4.39 -7.91
C SER B 24 14.24 5.88 -8.24
N LYS B 25 14.03 6.71 -7.22
CA LYS B 25 13.99 8.15 -7.42
C LYS B 25 15.37 8.77 -7.50
N ASN B 26 16.39 8.13 -6.91
CA ASN B 26 17.74 8.65 -6.91
C ASN B 26 18.72 7.88 -7.79
N ILE B 27 18.39 6.64 -8.16
CA ILE B 27 19.37 5.73 -8.76
C ILE B 27 18.72 4.91 -9.85
N VAL B 28 19.58 4.35 -10.71
CA VAL B 28 19.19 3.40 -11.75
C VAL B 28 20.17 2.24 -11.70
N VAL B 29 19.65 1.02 -11.54
CA VAL B 29 20.47 -0.18 -11.51
C VAL B 29 20.18 -1.00 -12.75
N SER B 30 21.24 -1.51 -13.38
CA SER B 30 21.09 -2.34 -14.57
C SER B 30 22.16 -3.43 -14.56
N GLY B 31 21.82 -4.56 -15.16
CA GLY B 31 22.75 -5.66 -15.25
C GLY B 31 22.80 -6.29 -16.64
N ALA B 32 24.00 -6.66 -17.10
CA ALA B 32 24.20 -7.17 -18.44
C ALA B 32 24.51 -8.66 -18.40
N ALA B 33 24.74 -9.22 -19.60
CA ALA B 33 24.92 -10.65 -19.74
C ALA B 33 26.31 -11.14 -19.34
N ASP B 34 27.28 -10.24 -19.24
CA ASP B 34 28.64 -10.61 -18.88
C ASP B 34 28.91 -10.49 -17.39
N GLY B 35 27.87 -10.44 -16.56
CA GLY B 35 28.01 -10.34 -15.13
C GLY B 35 28.09 -8.92 -14.60
N THR B 36 28.29 -7.93 -15.47
CA THR B 36 28.46 -6.56 -15.01
C THR B 36 27.17 -6.03 -14.39
N ILE B 37 27.33 -5.22 -13.34
CA ILE B 37 26.20 -4.55 -12.68
C ILE B 37 26.62 -3.11 -12.42
N LYS B 38 25.80 -2.17 -12.88
CA LYS B 38 26.14 -0.75 -12.83
C LYS B 38 24.95 0.03 -12.29
N VAL B 39 25.20 0.86 -11.28
CA VAL B 39 24.19 1.77 -10.75
C VAL B 39 24.59 3.20 -11.13
N TRP B 40 23.60 3.98 -11.54
CA TRP B 40 23.81 5.33 -12.03
C TRP B 40 22.98 6.32 -11.23
N ASP B 41 23.56 7.48 -10.91
CA ASP B 41 22.78 8.59 -10.39
C ASP B 41 21.81 9.04 -11.47
N ILE B 42 20.51 8.90 -11.20
CA ILE B 42 19.49 9.15 -12.21
C ILE B 42 19.43 10.61 -12.62
N LEU B 43 19.89 11.53 -11.79
CA LEU B 43 19.72 12.96 -12.02
C LEU B 43 21.09 13.57 -12.34
N THR B 44 21.49 13.47 -13.61
CA THR B 44 22.75 14.01 -14.11
C THR B 44 23.90 13.63 -13.18
N GLY B 45 24.26 12.35 -13.26
CA GLY B 45 25.18 11.77 -12.30
C GLY B 45 26.11 10.75 -12.93
N GLN B 46 27.09 10.35 -12.13
CA GLN B 46 28.20 9.51 -12.56
C GLN B 46 27.80 8.04 -12.52
N LEU B 47 28.78 7.17 -12.74
CA LEU B 47 28.61 5.73 -12.52
C LEU B 47 28.99 5.46 -11.07
N LEU B 48 27.98 5.35 -10.21
CA LEU B 48 28.24 5.26 -8.77
C LEU B 48 28.91 3.94 -8.41
N ARG B 49 28.34 2.82 -8.85
CA ARG B 49 28.92 1.51 -8.63
C ARG B 49 29.11 0.80 -9.96
N ASP B 50 30.34 0.36 -10.22
CA ASP B 50 30.71 -0.34 -11.44
C ASP B 50 31.30 -1.69 -11.04
N HIS B 51 30.43 -2.68 -10.88
CA HIS B 51 30.83 -4.01 -10.42
C HIS B 51 30.99 -4.95 -11.61
N ASP B 52 32.04 -5.75 -11.58
CA ASP B 52 32.29 -6.72 -12.64
C ASP B 52 31.41 -7.96 -12.53
N GLY B 53 30.89 -8.25 -11.34
CA GLY B 53 30.05 -9.41 -11.14
C GLY B 53 30.82 -10.63 -10.68
N HIS B 54 30.08 -11.71 -10.47
CA HIS B 54 30.65 -12.97 -10.00
C HIS B 54 30.54 -14.09 -11.03
N GLN B 55 29.93 -13.83 -12.19
CA GLN B 55 29.84 -14.81 -13.26
C GLN B 55 30.19 -14.14 -14.58
N SER B 56 30.22 -14.92 -15.65
CA SER B 56 30.63 -14.43 -16.96
C SER B 56 29.58 -14.60 -18.05
N GLU B 57 28.52 -15.39 -17.81
CA GLU B 57 27.43 -15.55 -18.76
C GLU B 57 26.11 -15.58 -17.98
N VAL B 58 25.72 -14.41 -17.46
CA VAL B 58 24.52 -14.31 -16.64
C VAL B 58 23.29 -14.49 -17.53
N THR B 59 22.40 -15.41 -17.12
CA THR B 59 21.22 -15.73 -17.89
C THR B 59 19.94 -15.12 -17.34
N ALA B 60 19.91 -14.76 -16.05
CA ALA B 60 18.71 -14.20 -15.45
C ALA B 60 19.13 -13.31 -14.29
N LEU B 61 18.31 -12.28 -14.03
CA LEU B 61 18.59 -11.33 -12.97
C LEU B 61 17.29 -10.97 -12.25
N GLN B 62 17.41 -10.67 -10.96
CA GLN B 62 16.28 -10.22 -10.17
C GLN B 62 16.78 -9.21 -9.15
N PHE B 63 16.10 -8.07 -9.06
CA PHE B 63 16.48 -6.98 -8.16
C PHE B 63 15.34 -6.70 -7.18
N LYS B 64 15.65 -6.77 -5.89
CA LYS B 64 14.78 -6.20 -4.86
C LYS B 64 15.66 -5.40 -3.92
N ASP B 65 15.23 -4.18 -3.61
CA ASP B 65 16.03 -3.25 -2.81
C ASP B 65 17.43 -3.12 -3.38
N ASN B 66 18.44 -3.55 -2.63
CA ASN B 66 19.84 -3.47 -3.06
C ASN B 66 20.48 -4.85 -3.14
N ILE B 67 19.71 -5.88 -3.47
CA ILE B 67 20.18 -7.26 -3.48
C ILE B 67 20.00 -7.84 -4.87
N VAL B 68 21.05 -8.42 -5.41
CA VAL B 68 21.04 -9.03 -6.75
C VAL B 68 20.99 -10.55 -6.60
N VAL B 69 20.14 -11.18 -7.40
CA VAL B 69 20.11 -12.63 -7.55
C VAL B 69 20.40 -12.92 -9.02
N SER B 70 21.56 -13.50 -9.29
CA SER B 70 22.04 -13.72 -10.65
C SER B 70 22.23 -15.20 -10.91
N GLY B 71 21.65 -15.69 -12.00
CA GLY B 71 21.86 -17.06 -12.44
C GLY B 71 22.55 -17.11 -13.78
N ALA B 72 23.58 -17.95 -13.90
CA ALA B 72 24.39 -18.03 -15.10
C ALA B 72 24.29 -19.43 -15.70
N LYS B 73 25.08 -19.66 -16.75
CA LYS B 73 25.15 -20.97 -17.37
C LYS B 73 25.92 -21.98 -16.54
N ASP B 74 26.65 -21.52 -15.52
CA ASP B 74 27.32 -22.43 -14.59
C ASP B 74 26.33 -23.26 -13.78
N GLY B 75 25.05 -22.95 -13.83
CA GLY B 75 24.08 -23.48 -12.89
C GLY B 75 24.12 -22.81 -11.54
N THR B 76 25.02 -21.86 -11.33
CA THR B 76 25.20 -21.24 -10.03
C THR B 76 24.20 -20.10 -9.83
N VAL B 77 23.62 -20.04 -8.64
CA VAL B 77 22.75 -18.95 -8.22
C VAL B 77 23.51 -18.19 -7.14
N LYS B 78 23.91 -16.96 -7.46
CA LYS B 78 24.70 -16.14 -6.55
C LYS B 78 23.90 -14.93 -6.10
N VAL B 79 24.09 -14.54 -4.84
CA VAL B 79 23.42 -13.40 -4.25
C VAL B 79 24.47 -12.46 -3.70
N TRP B 80 24.37 -11.17 -4.06
CA TRP B 80 25.36 -10.20 -3.62
C TRP B 80 24.72 -8.83 -3.55
N TYR B 81 25.54 -7.84 -3.19
CA TYR B 81 25.10 -6.50 -2.81
C TYR B 81 25.52 -5.50 -3.87
N ILE B 82 24.60 -4.62 -4.27
CA ILE B 82 24.93 -3.60 -5.27
C ILE B 82 25.72 -2.45 -4.68
N GLY B 83 25.88 -2.41 -3.37
CA GLY B 83 26.65 -1.35 -2.73
C GLY B 83 28.15 -1.61 -2.76
N THR B 84 28.55 -2.86 -2.55
CA THR B 84 29.95 -3.21 -2.49
C THR B 84 30.34 -4.41 -3.35
N GLY B 85 29.38 -5.03 -4.03
CA GLY B 85 29.68 -6.23 -4.81
C GLY B 85 29.97 -7.46 -4.01
N GLN B 86 29.95 -7.39 -2.68
CA GLN B 86 30.26 -8.54 -1.85
C GLN B 86 29.15 -9.57 -1.92
N GLU B 87 29.54 -10.83 -2.06
CA GLU B 87 28.58 -11.92 -2.09
C GLU B 87 27.90 -12.05 -0.74
N LEU B 88 26.57 -11.95 -0.72
CA LEU B 88 25.84 -11.96 0.55
C LEU B 88 25.83 -13.35 1.17
N VAL B 89 25.36 -14.35 0.41
CA VAL B 89 25.21 -15.71 0.93
C VAL B 89 25.54 -16.70 -0.19
N SER B 90 25.88 -17.91 0.21
CA SER B 90 26.33 -18.96 -0.71
C SER B 90 25.19 -19.92 -0.99
N LEU B 91 24.78 -20.01 -2.25
CA LEU B 91 23.76 -20.94 -2.71
C LEU B 91 24.41 -22.02 -3.55
N GLU B 92 23.90 -23.25 -3.44
CA GLU B 92 24.49 -24.38 -4.16
C GLU B 92 24.24 -24.28 -5.66
N GLY B 93 22.97 -24.22 -6.05
CA GLY B 93 22.60 -24.10 -7.43
C GLY B 93 22.06 -25.38 -8.02
N HIS B 94 22.14 -25.47 -9.35
CA HIS B 94 21.62 -26.60 -10.11
C HIS B 94 22.76 -27.28 -10.85
N GLN B 95 22.42 -28.31 -11.62
CA GLN B 95 23.37 -29.01 -12.47
C GLN B 95 23.24 -28.61 -13.94
N SER B 96 22.30 -27.75 -14.27
CA SER B 96 22.13 -27.24 -15.62
C SER B 96 21.97 -25.72 -15.56
N ALA B 97 21.97 -25.10 -16.73
CA ALA B 97 21.97 -23.64 -16.81
C ALA B 97 20.68 -23.06 -16.24
N ILE B 98 20.82 -21.97 -15.48
CA ILE B 98 19.66 -21.28 -14.93
C ILE B 98 18.90 -20.59 -16.05
N THR B 99 17.57 -20.70 -16.00
CA THR B 99 16.72 -20.13 -17.03
C THR B 99 15.60 -19.24 -16.50
N ALA B 100 15.19 -19.38 -15.25
CA ALA B 100 14.13 -18.58 -14.68
C ALA B 100 14.44 -18.28 -13.22
N LEU B 101 13.96 -17.13 -12.75
CA LEU B 101 14.25 -16.68 -11.40
C LEU B 101 13.02 -16.00 -10.82
N ALA B 102 12.99 -15.91 -9.49
CA ALA B 102 11.94 -15.21 -8.77
C ALA B 102 12.49 -14.83 -7.41
N PHE B 103 12.05 -13.69 -6.90
CA PHE B 103 12.58 -13.14 -5.66
C PHE B 103 11.46 -12.42 -4.91
N SER B 104 11.18 -12.87 -3.69
CA SER B 104 10.18 -12.25 -2.84
C SER B 104 10.54 -12.49 -1.39
N LYS B 105 10.56 -11.43 -0.59
CA LYS B 105 10.95 -11.47 0.83
C LYS B 105 12.35 -12.07 0.88
N ASN B 106 12.60 -13.07 1.72
CA ASN B 106 13.90 -13.75 1.79
C ASN B 106 13.90 -15.06 1.02
N ILE B 107 12.95 -15.26 0.12
CA ILE B 107 12.79 -16.51 -0.61
C ILE B 107 13.25 -16.29 -2.05
N VAL B 108 14.15 -17.14 -2.51
CA VAL B 108 14.66 -17.11 -3.88
C VAL B 108 14.32 -18.44 -4.54
N VAL B 109 13.69 -18.37 -5.72
CA VAL B 109 13.34 -19.54 -6.51
C VAL B 109 14.09 -19.46 -7.83
N SER B 110 14.68 -20.58 -8.25
CA SER B 110 15.47 -20.63 -9.48
C SER B 110 15.01 -21.80 -10.32
N GLY B 111 14.73 -21.53 -11.59
CA GLY B 111 14.48 -22.57 -12.58
C GLY B 111 15.72 -22.84 -13.39
N ALA B 112 15.74 -24.00 -14.05
CA ALA B 112 16.91 -24.43 -14.79
C ALA B 112 16.48 -25.07 -16.10
N ALA B 113 17.47 -25.33 -16.96
CA ALA B 113 17.20 -25.87 -18.29
C ALA B 113 16.74 -27.32 -18.24
N ASP B 114 16.99 -28.04 -17.15
CA ASP B 114 16.56 -29.42 -17.01
C ASP B 114 15.24 -29.55 -16.28
N GLY B 115 14.58 -28.44 -15.98
CA GLY B 115 13.29 -28.47 -15.33
C GLY B 115 13.32 -28.40 -13.82
N THR B 116 14.49 -28.45 -13.21
CA THR B 116 14.57 -28.41 -11.75
C THR B 116 14.15 -27.03 -11.23
N ILE B 117 13.55 -27.04 -10.04
CA ILE B 117 13.12 -25.83 -9.37
C ILE B 117 13.55 -25.94 -7.91
N LYS B 118 14.44 -25.06 -7.48
CA LYS B 118 14.97 -25.07 -6.12
C LYS B 118 14.55 -23.80 -5.41
N VAL B 119 13.97 -23.95 -4.22
CA VAL B 119 13.53 -22.83 -3.41
C VAL B 119 14.54 -22.61 -2.29
N TRP B 120 15.03 -21.39 -2.16
CA TRP B 120 16.09 -21.06 -1.22
C TRP B 120 15.61 -20.05 -0.20
N ASP B 121 16.16 -20.14 1.00
CA ASP B 121 15.98 -19.12 2.03
C ASP B 121 17.25 -18.27 2.06
N ILE B 122 17.12 -17.00 1.68
CA ILE B 122 18.28 -16.14 1.53
C ILE B 122 18.89 -15.77 2.87
N LEU B 123 18.14 -15.89 3.97
CA LEU B 123 18.67 -15.56 5.28
C LEU B 123 19.49 -16.71 5.86
N THR B 124 18.87 -17.88 6.00
CA THR B 124 19.60 -19.05 6.49
C THR B 124 20.60 -19.57 5.46
N GLY B 125 20.46 -19.17 4.20
CA GLY B 125 21.39 -19.61 3.18
C GLY B 125 21.35 -21.10 2.90
N GLN B 126 20.26 -21.76 3.25
CA GLN B 126 20.14 -23.20 3.07
C GLN B 126 18.94 -23.52 2.18
N LEU B 127 19.06 -24.61 1.44
CA LEU B 127 18.02 -25.03 0.51
C LEU B 127 16.76 -25.42 1.25
N LEU B 128 15.64 -24.81 0.88
CA LEU B 128 14.35 -25.19 1.46
C LEU B 128 13.93 -26.55 0.94
N ARG B 129 13.51 -26.61 -0.33
CA ARG B 129 13.12 -27.86 -0.95
C ARG B 129 13.47 -27.81 -2.43
N ASP B 130 13.44 -28.97 -3.07
N ASP B 130 13.43 -28.97 -3.06
CA ASP B 130 13.65 -29.08 -4.52
CA ASP B 130 13.63 -29.12 -4.50
C ASP B 130 12.34 -29.59 -5.12
C ASP B 130 12.31 -29.62 -5.09
N HIS B 131 11.52 -28.68 -5.61
CA HIS B 131 10.24 -29.04 -6.20
C HIS B 131 10.45 -30.01 -7.36
N ASP B 132 9.45 -30.88 -7.56
CA ASP B 132 9.55 -31.88 -8.62
C ASP B 132 9.83 -31.23 -9.97
N GLY B 133 9.44 -29.97 -10.14
CA GLY B 133 9.76 -29.25 -11.34
C GLY B 133 9.06 -29.82 -12.57
N HIS B 134 9.74 -29.73 -13.70
CA HIS B 134 9.24 -30.24 -14.96
C HIS B 134 10.31 -31.12 -15.59
N GLN B 135 9.90 -31.91 -16.58
CA GLN B 135 10.84 -32.63 -17.43
C GLN B 135 11.22 -31.84 -18.67
N SER B 136 11.25 -30.51 -18.56
CA SER B 136 11.60 -29.62 -19.66
C SER B 136 12.02 -28.29 -19.06
N GLU B 137 12.72 -27.50 -19.85
CA GLU B 137 13.32 -26.26 -19.36
C GLU B 137 12.27 -25.33 -18.76
N VAL B 138 12.56 -24.83 -17.56
CA VAL B 138 11.70 -23.84 -16.92
C VAL B 138 11.90 -22.50 -17.63
N THR B 139 10.84 -22.00 -18.25
CA THR B 139 10.91 -20.77 -19.02
C THR B 139 10.48 -19.53 -18.26
N ALA B 140 9.54 -19.67 -17.32
CA ALA B 140 9.03 -18.53 -16.57
C ALA B 140 8.75 -18.94 -15.14
N LEU B 141 8.81 -17.96 -14.24
CA LEU B 141 8.50 -18.17 -12.83
C LEU B 141 7.75 -16.94 -12.32
N GLN B 142 6.72 -17.19 -11.52
CA GLN B 142 6.00 -16.13 -10.83
C GLN B 142 5.78 -16.57 -9.39
N PHE B 143 6.13 -15.69 -8.45
CA PHE B 143 6.21 -16.04 -7.03
C PHE B 143 5.49 -14.97 -6.23
N LYS B 144 4.34 -15.33 -5.67
CA LYS B 144 3.54 -14.38 -4.89
C LYS B 144 2.85 -15.12 -3.74
N ASP B 145 2.95 -14.55 -2.54
CA ASP B 145 2.26 -15.06 -1.35
C ASP B 145 2.65 -16.52 -1.08
N ASN B 146 3.96 -16.78 -1.10
CA ASN B 146 4.51 -18.11 -0.84
C ASN B 146 3.93 -19.16 -1.80
N ILE B 147 3.64 -18.75 -3.03
CA ILE B 147 3.12 -19.65 -4.06
C ILE B 147 3.93 -19.42 -5.32
N VAL B 148 4.65 -20.45 -5.75
CA VAL B 148 5.46 -20.40 -6.97
C VAL B 148 4.67 -21.01 -8.11
N VAL B 149 4.55 -20.27 -9.21
CA VAL B 149 3.99 -20.79 -10.46
C VAL B 149 5.13 -20.85 -11.47
N SER B 150 5.14 -21.92 -12.27
CA SER B 150 6.21 -22.13 -13.23
C SER B 150 5.63 -22.58 -14.56
N GLY B 151 6.34 -22.21 -15.64
CA GLY B 151 6.04 -22.73 -16.95
C GLY B 151 7.28 -23.37 -17.54
N ALA B 152 7.05 -24.23 -18.53
CA ALA B 152 8.13 -25.01 -19.10
C ALA B 152 7.96 -25.12 -20.62
N LYS B 153 9.04 -25.54 -21.28
CA LYS B 153 9.07 -25.64 -22.74
C LYS B 153 8.15 -26.74 -23.29
N ASP B 154 7.62 -27.61 -22.44
CA ASP B 154 6.67 -28.61 -22.89
C ASP B 154 5.22 -28.14 -22.82
N GLY B 155 4.98 -26.97 -22.24
CA GLY B 155 3.64 -26.43 -22.12
C GLY B 155 2.99 -26.59 -20.77
N THR B 156 3.71 -27.07 -19.77
CA THR B 156 3.14 -27.35 -18.46
C THR B 156 3.23 -26.12 -17.57
N VAL B 157 2.17 -25.89 -16.79
CA VAL B 157 2.11 -24.83 -15.79
C VAL B 157 1.77 -25.49 -14.46
N LYS B 158 2.61 -25.27 -13.46
CA LYS B 158 2.47 -25.91 -12.15
C LYS B 158 2.41 -24.86 -11.06
N VAL B 159 1.71 -25.20 -9.97
CA VAL B 159 1.48 -24.29 -8.85
C VAL B 159 2.06 -24.94 -7.59
N TRP B 160 2.99 -24.25 -6.96
CA TRP B 160 3.67 -24.75 -5.77
C TRP B 160 3.31 -23.92 -4.55
N TYR B 161 3.71 -24.43 -3.38
CA TYR B 161 3.52 -23.76 -2.10
C TYR B 161 4.80 -23.92 -1.29
N ILE B 162 5.34 -22.81 -0.79
CA ILE B 162 6.63 -22.83 -0.10
C ILE B 162 6.52 -23.33 1.33
N GLY B 163 5.32 -23.40 1.88
CA GLY B 163 5.16 -23.88 3.24
C GLY B 163 5.20 -25.39 3.38
N THR B 164 4.16 -25.96 3.99
CA THR B 164 4.16 -27.37 4.38
C THR B 164 3.82 -28.30 3.21
N GLY B 165 2.96 -27.87 2.30
CA GLY B 165 2.59 -28.66 1.15
C GLY B 165 3.31 -28.20 -0.11
N GLN B 166 3.45 -29.11 -1.07
CA GLN B 166 4.27 -28.80 -2.25
C GLN B 166 3.44 -28.38 -3.46
N GLU B 167 2.38 -29.12 -3.80
CA GLU B 167 1.59 -28.84 -4.99
C GLU B 167 0.14 -28.57 -4.61
N LEU B 168 -0.47 -27.58 -5.27
CA LEU B 168 -1.80 -27.10 -4.94
C LEU B 168 -2.88 -27.58 -5.91
N VAL B 169 -2.70 -27.31 -7.19
CA VAL B 169 -3.71 -27.60 -8.21
C VAL B 169 -3.01 -28.16 -9.44
N SER B 170 -3.83 -28.68 -10.35
CA SER B 170 -3.35 -29.28 -11.60
C SER B 170 -3.91 -28.47 -12.75
N LEU B 171 -3.02 -27.81 -13.51
CA LEU B 171 -3.42 -27.05 -14.68
C LEU B 171 -3.10 -27.87 -15.93
N GLU B 172 -4.08 -27.97 -16.82
CA GLU B 172 -3.87 -28.68 -18.08
C GLU B 172 -2.72 -28.09 -18.88
N GLY B 173 -2.50 -26.78 -18.76
CA GLY B 173 -1.42 -26.14 -19.47
C GLY B 173 -1.76 -25.88 -20.92
N HIS B 174 -0.71 -25.63 -21.71
CA HIS B 174 -0.83 -25.35 -23.12
C HIS B 174 -0.24 -26.49 -23.94
N GLN B 175 -0.52 -26.46 -25.24
CA GLN B 175 0.03 -27.43 -26.18
C GLN B 175 1.33 -26.97 -26.80
N SER B 176 1.89 -25.85 -26.34
CA SER B 176 3.14 -25.32 -26.84
C SER B 176 3.93 -24.73 -25.68
N ALA B 177 5.20 -24.42 -25.92
CA ALA B 177 6.07 -23.95 -24.86
C ALA B 177 5.52 -22.69 -24.20
N ILE B 178 5.65 -22.63 -22.89
CA ILE B 178 5.20 -21.46 -22.14
C ILE B 178 6.19 -20.33 -22.38
N THR B 179 5.70 -19.23 -22.97
CA THR B 179 6.55 -18.10 -23.31
C THR B 179 6.24 -16.84 -22.51
N ALA B 180 5.19 -16.86 -21.70
CA ALA B 180 4.85 -15.73 -20.84
C ALA B 180 4.00 -16.24 -19.69
N LEU B 181 4.05 -15.53 -18.56
CA LEU B 181 3.40 -15.99 -17.34
C LEU B 181 3.27 -14.84 -16.37
N ALA B 182 2.06 -14.64 -15.83
CA ALA B 182 1.80 -13.62 -14.83
C ALA B 182 0.83 -14.16 -13.80
N PHE B 183 1.03 -13.74 -12.54
CA PHE B 183 0.31 -14.29 -11.40
C PHE B 183 -0.04 -13.16 -10.46
N SER B 184 -1.31 -12.76 -10.43
CA SER B 184 -1.78 -11.71 -9.54
C SER B 184 -2.96 -12.21 -8.73
N LYS B 185 -2.87 -12.09 -7.41
CA LYS B 185 -3.90 -12.52 -6.47
C LYS B 185 -4.08 -14.03 -6.63
N ASN B 186 -5.25 -14.53 -7.03
CA ASN B 186 -5.49 -15.96 -7.16
C ASN B 186 -5.77 -16.35 -8.62
N ILE B 187 -5.22 -15.59 -9.56
CA ILE B 187 -5.46 -15.79 -10.98
C ILE B 187 -4.13 -15.94 -11.69
N VAL B 188 -4.02 -16.94 -12.56
CA VAL B 188 -2.82 -17.19 -13.35
C VAL B 188 -3.14 -16.89 -14.80
N VAL B 189 -2.28 -16.09 -15.43
CA VAL B 189 -2.36 -15.83 -16.87
C VAL B 189 -1.07 -16.33 -17.51
N SER B 190 -1.20 -17.06 -18.61
CA SER B 190 -0.04 -17.69 -19.24
C SER B 190 -0.25 -17.69 -20.74
N GLY B 191 0.82 -17.37 -21.47
CA GLY B 191 0.81 -17.42 -22.93
C GLY B 191 1.76 -18.50 -23.42
N ALA B 192 1.47 -19.01 -24.61
CA ALA B 192 2.28 -20.06 -25.21
C ALA B 192 2.78 -19.63 -26.57
N ALA B 193 3.68 -20.45 -27.14
CA ALA B 193 4.30 -20.15 -28.43
C ALA B 193 3.34 -20.28 -29.61
N ASP B 194 2.08 -20.66 -29.37
CA ASP B 194 1.09 -20.76 -30.44
C ASP B 194 0.06 -19.65 -30.38
N GLY B 195 0.18 -18.71 -29.44
CA GLY B 195 -0.79 -17.64 -29.31
C GLY B 195 -1.93 -17.90 -28.36
N THR B 196 -1.86 -18.97 -27.57
CA THR B 196 -2.90 -19.28 -26.60
C THR B 196 -2.59 -18.58 -25.28
N ILE B 197 -3.55 -17.81 -24.78
CA ILE B 197 -3.45 -17.16 -23.48
C ILE B 197 -4.59 -17.67 -22.62
N LYS B 198 -4.25 -18.36 -21.54
CA LYS B 198 -5.23 -19.07 -20.72
C LYS B 198 -5.30 -18.46 -19.33
N VAL B 199 -6.52 -18.38 -18.80
CA VAL B 199 -6.77 -17.88 -17.45
C VAL B 199 -7.10 -19.05 -16.55
N TRP B 200 -6.40 -19.15 -15.43
CA TRP B 200 -6.56 -20.24 -14.49
C TRP B 200 -6.98 -19.71 -13.12
N ASP B 201 -7.79 -20.49 -12.42
CA ASP B 201 -8.19 -20.20 -11.05
C ASP B 201 -7.33 -21.06 -10.13
N ILE B 202 -6.44 -20.42 -9.38
CA ILE B 202 -5.48 -21.15 -8.55
C ILE B 202 -6.15 -21.93 -7.43
N LEU B 203 -7.36 -21.53 -7.03
CA LEU B 203 -8.03 -22.21 -5.92
C LEU B 203 -8.72 -23.48 -6.36
N THR B 204 -9.11 -23.57 -7.63
CA THR B 204 -9.81 -24.74 -8.13
C THR B 204 -9.16 -25.36 -9.36
N GLY B 205 -8.08 -24.77 -9.88
CA GLY B 205 -7.40 -25.31 -11.05
C GLY B 205 -8.19 -25.28 -12.33
N GLN B 206 -9.35 -24.63 -12.34
CA GLN B 206 -10.20 -24.63 -13.52
C GLN B 206 -9.71 -23.63 -14.55
N LEU B 207 -9.85 -23.99 -15.83
CA LEU B 207 -9.55 -23.09 -16.93
C LEU B 207 -10.69 -22.09 -17.04
N LEU B 208 -10.45 -20.86 -16.56
CA LEU B 208 -11.50 -19.86 -16.56
C LEU B 208 -11.86 -19.43 -17.97
N ARG B 209 -10.86 -19.06 -18.78
CA ARG B 209 -11.12 -18.56 -20.11
C ARG B 209 -9.93 -18.82 -21.02
N ASP B 210 -10.23 -18.96 -22.31
CA ASP B 210 -9.21 -19.04 -23.36
C ASP B 210 -9.28 -17.74 -24.14
N HIS B 211 -8.32 -16.85 -23.90
CA HIS B 211 -8.32 -15.56 -24.58
C HIS B 211 -8.25 -15.73 -26.10
N ASP B 212 -7.40 -16.65 -26.56
CA ASP B 212 -7.29 -17.03 -27.98
C ASP B 212 -7.27 -15.78 -28.88
N GLY B 213 -6.18 -15.04 -28.76
CA GLY B 213 -6.07 -13.79 -29.48
C GLY B 213 -5.00 -13.75 -30.55
N HIS B 214 -3.75 -13.77 -30.13
CA HIS B 214 -2.64 -13.58 -31.06
C HIS B 214 -2.51 -14.77 -32.00
N GLN B 215 -2.42 -14.48 -33.30
CA GLN B 215 -2.12 -15.49 -34.30
C GLN B 215 -0.63 -15.79 -34.40
N SER B 216 0.16 -15.31 -33.43
CA SER B 216 1.58 -15.55 -33.39
C SER B 216 1.98 -15.85 -31.95
N GLU B 217 3.26 -16.20 -31.78
CA GLU B 217 3.77 -16.58 -30.46
C GLU B 217 3.65 -15.42 -29.48
N VAL B 218 2.97 -15.67 -28.35
CA VAL B 218 2.97 -14.70 -27.26
C VAL B 218 4.37 -14.56 -26.72
N THR B 219 4.83 -13.32 -26.54
CA THR B 219 6.18 -13.05 -26.10
C THR B 219 6.27 -12.22 -24.82
N ALA B 220 5.20 -11.56 -24.41
CA ALA B 220 5.20 -10.78 -23.18
C ALA B 220 3.80 -10.74 -22.61
N LEU B 221 3.71 -10.68 -21.28
CA LEU B 221 2.43 -10.72 -20.60
C LEU B 221 2.52 -9.82 -19.37
N GLN B 222 1.55 -8.91 -19.24
CA GLN B 222 1.43 -8.08 -18.06
C GLN B 222 0.00 -8.21 -17.53
N PHE B 223 -0.11 -8.16 -16.20
CA PHE B 223 -1.37 -8.45 -15.53
C PHE B 223 -1.46 -7.64 -14.26
N LYS B 224 -2.44 -6.74 -14.20
CA LYS B 224 -2.63 -5.87 -13.04
C LYS B 224 -4.07 -5.37 -13.04
N ASP B 225 -4.72 -5.43 -11.88
CA ASP B 225 -6.10 -4.95 -11.72
C ASP B 225 -7.04 -5.60 -12.72
N ASN B 226 -6.83 -6.90 -12.96
CA ASN B 226 -7.66 -7.71 -13.84
C ASN B 226 -7.60 -7.26 -15.29
N ILE B 227 -6.53 -6.58 -15.68
CA ILE B 227 -6.30 -6.17 -17.07
C ILE B 227 -5.02 -6.84 -17.55
N VAL B 228 -5.12 -7.56 -18.67
CA VAL B 228 -4.00 -8.29 -19.24
C VAL B 228 -3.58 -7.61 -20.53
N VAL B 229 -2.33 -7.18 -20.59
CA VAL B 229 -1.73 -6.62 -21.80
C VAL B 229 -0.72 -7.64 -22.30
N SER B 230 -0.87 -8.06 -23.56
CA SER B 230 -0.03 -9.09 -24.14
C SER B 230 0.64 -8.61 -25.41
N GLY B 231 1.84 -9.12 -25.66
CA GLY B 231 2.56 -8.84 -26.88
C GLY B 231 2.85 -10.14 -27.61
N ALA B 232 2.91 -10.05 -28.94
CA ALA B 232 3.05 -11.23 -29.78
C ALA B 232 4.24 -11.07 -30.73
N LYS B 233 4.62 -12.18 -31.35
CA LYS B 233 5.78 -12.20 -32.23
C LYS B 233 5.52 -11.43 -33.52
N ASP B 234 4.26 -11.32 -33.94
CA ASP B 234 3.93 -10.57 -35.15
C ASP B 234 3.83 -9.08 -34.92
N GLY B 235 4.12 -8.60 -33.71
CA GLY B 235 4.12 -7.19 -33.40
C GLY B 235 2.86 -6.68 -32.74
N THR B 236 1.82 -7.48 -32.63
CA THR B 236 0.55 -7.02 -32.10
C THR B 236 0.60 -6.91 -30.59
N VAL B 237 -0.07 -5.89 -30.06
CA VAL B 237 -0.26 -5.70 -28.63
C VAL B 237 -1.76 -5.63 -28.37
N LYS B 238 -2.24 -6.39 -27.39
CA LYS B 238 -3.66 -6.47 -27.09
C LYS B 238 -3.89 -6.25 -25.60
N VAL B 239 -5.06 -5.74 -25.28
CA VAL B 239 -5.48 -5.48 -23.90
C VAL B 239 -6.70 -6.34 -23.60
N TRP B 240 -6.63 -7.13 -22.53
CA TRP B 240 -7.68 -8.08 -22.21
C TRP B 240 -8.33 -7.75 -20.87
N TYR B 241 -9.62 -8.05 -20.78
CA TYR B 241 -10.30 -8.21 -19.50
C TYR B 241 -10.48 -9.70 -19.26
N ILE B 242 -10.07 -10.17 -18.08
CA ILE B 242 -10.04 -11.61 -17.83
C ILE B 242 -11.46 -12.18 -17.83
N GLY B 243 -12.43 -11.43 -17.32
CA GLY B 243 -13.80 -11.88 -17.35
C GLY B 243 -14.41 -11.98 -18.74
N THR B 244 -13.73 -11.44 -19.75
CA THR B 244 -14.24 -11.45 -21.12
C THR B 244 -13.29 -12.23 -22.01
N GLY B 245 -13.85 -12.90 -23.01
CA GLY B 245 -13.05 -13.73 -23.90
C GLY B 245 -12.04 -12.93 -24.70
N GLN B 246 -12.53 -11.93 -25.44
CA GLN B 246 -11.70 -11.20 -26.39
C GLN B 246 -11.38 -9.80 -25.87
N GLU B 247 -10.55 -9.11 -26.64
CA GLU B 247 -9.82 -7.93 -26.16
C GLU B 247 -10.76 -6.74 -25.95
N LEU B 248 -10.28 -5.79 -25.13
CA LEU B 248 -10.97 -4.52 -24.93
C LEU B 248 -10.69 -3.57 -26.08
N VAL B 249 -9.42 -3.19 -26.24
CA VAL B 249 -8.97 -2.32 -27.33
C VAL B 249 -7.74 -2.95 -27.96
N SER B 250 -7.63 -2.83 -29.28
CA SER B 250 -6.51 -3.36 -30.03
C SER B 250 -5.61 -2.20 -30.45
N LEU B 251 -4.44 -2.10 -29.82
CA LEU B 251 -3.49 -1.08 -30.20
C LEU B 251 -2.81 -1.44 -31.51
N GLU B 252 -2.35 -0.41 -32.23
CA GLU B 252 -1.71 -0.65 -33.52
C GLU B 252 -0.42 -1.44 -33.39
N GLY B 253 0.12 -1.54 -32.18
CA GLY B 253 1.31 -2.33 -31.89
C GLY B 253 2.51 -1.85 -32.69
N HIS B 254 3.41 -2.78 -32.94
CA HIS B 254 4.61 -2.56 -33.73
C HIS B 254 4.54 -3.40 -34.99
N GLN B 255 5.57 -3.25 -35.84
CA GLN B 255 5.75 -4.14 -36.98
C GLN B 255 6.80 -5.20 -36.71
N SER B 256 7.57 -5.07 -35.63
CA SER B 256 8.56 -6.04 -35.22
C SER B 256 8.07 -6.80 -33.99
N ALA B 257 8.74 -7.91 -33.71
CA ALA B 257 8.33 -8.78 -32.61
C ALA B 257 8.41 -8.05 -31.28
N ILE B 258 7.33 -8.13 -30.50
CA ILE B 258 7.32 -7.55 -29.16
C ILE B 258 8.31 -8.29 -28.29
N THR B 259 9.18 -7.54 -27.60
CA THR B 259 10.17 -8.12 -26.71
C THR B 259 10.03 -7.68 -25.27
N ALA B 260 9.38 -6.55 -25.01
CA ALA B 260 9.26 -6.01 -23.66
C ALA B 260 7.87 -5.44 -23.48
N LEU B 261 7.39 -5.49 -22.24
CA LEU B 261 6.09 -4.93 -21.90
C LEU B 261 6.14 -4.38 -20.49
N ALA B 262 5.62 -3.18 -20.31
CA ALA B 262 5.48 -2.57 -18.99
C ALA B 262 4.07 -2.00 -18.90
N PHE B 263 3.47 -2.12 -17.72
CA PHE B 263 2.06 -1.81 -17.55
C PHE B 263 1.86 -1.07 -16.24
N SER B 264 1.24 0.10 -16.31
CA SER B 264 0.99 0.90 -15.11
C SER B 264 -0.22 1.78 -15.38
N LYS B 265 -1.32 1.54 -14.67
CA LYS B 265 -2.54 2.33 -14.75
C LYS B 265 -3.10 2.22 -16.16
N ASN B 266 -3.35 3.32 -16.87
CA ASN B 266 -3.96 3.28 -18.19
C ASN B 266 -2.95 3.48 -19.31
N ILE B 267 -1.66 3.36 -19.01
CA ILE B 267 -0.60 3.59 -19.99
C ILE B 267 0.18 2.30 -20.17
N VAL B 268 0.37 1.89 -21.43
CA VAL B 268 1.12 0.70 -21.77
C VAL B 268 2.35 1.13 -22.57
N VAL B 269 3.52 0.66 -22.15
CA VAL B 269 4.78 0.93 -22.83
C VAL B 269 5.33 -0.39 -23.35
N SER B 270 5.46 -0.49 -24.67
CA SER B 270 5.90 -1.73 -25.32
C SER B 270 7.21 -1.50 -26.06
N GLY B 271 8.09 -2.49 -25.98
CA GLY B 271 9.32 -2.50 -26.76
C GLY B 271 9.28 -3.60 -27.80
N ALA B 272 10.08 -3.48 -28.85
CA ALA B 272 10.09 -4.44 -29.94
C ALA B 272 11.53 -4.80 -30.30
N ALA B 273 11.67 -5.73 -31.24
CA ALA B 273 12.98 -6.24 -31.62
C ALA B 273 13.75 -5.30 -32.55
N ASP B 274 13.09 -4.29 -33.11
CA ASP B 274 13.80 -3.28 -33.89
C ASP B 274 14.29 -2.11 -33.04
N GLY B 275 13.96 -2.11 -31.75
CA GLY B 275 14.39 -1.06 -30.84
C GLY B 275 13.37 0.03 -30.59
N THR B 276 12.20 -0.06 -31.20
CA THR B 276 11.19 0.97 -31.05
C THR B 276 10.46 0.82 -29.71
N ILE B 277 10.19 1.95 -29.07
CA ILE B 277 9.45 1.99 -27.81
C ILE B 277 8.23 2.85 -28.02
N LYS B 278 7.05 2.29 -27.75
CA LYS B 278 5.78 2.98 -27.94
C LYS B 278 5.02 3.05 -26.63
N VAL B 279 4.38 4.18 -26.39
CA VAL B 279 3.57 4.41 -25.19
C VAL B 279 2.14 4.62 -25.62
N TRP B 280 1.22 3.85 -25.05
CA TRP B 280 -0.18 3.86 -25.46
C TRP B 280 -1.07 4.35 -24.34
N ASP B 281 -2.28 4.76 -24.71
CA ASP B 281 -3.36 5.04 -23.77
C ASP B 281 -4.36 3.90 -23.88
N ILE B 282 -4.51 3.13 -22.81
CA ILE B 282 -5.30 1.92 -22.83
C ILE B 282 -6.79 2.17 -23.07
N LEU B 283 -7.24 3.42 -22.96
CA LEU B 283 -8.66 3.72 -23.05
C LEU B 283 -9.06 4.31 -24.40
N THR B 284 -8.21 5.14 -24.99
CA THR B 284 -8.49 5.71 -26.31
C THR B 284 -7.83 4.95 -27.44
N GLY B 285 -6.97 3.99 -27.14
CA GLY B 285 -6.25 3.27 -28.18
C GLY B 285 -5.34 4.18 -28.99
N GLN B 286 -4.74 5.16 -28.33
CA GLN B 286 -3.95 6.18 -29.00
C GLN B 286 -2.48 6.06 -28.61
N LEU B 287 -1.60 6.53 -29.49
CA LEU B 287 -0.16 6.50 -29.27
C LEU B 287 0.26 7.79 -28.56
N LEU B 288 0.59 7.67 -27.27
CA LEU B 288 1.06 8.84 -26.53
C LEU B 288 2.43 9.30 -27.04
N ARG B 289 3.35 8.36 -27.21
CA ARG B 289 4.62 8.67 -27.87
C ARG B 289 5.17 7.39 -28.49
N ASP B 290 5.91 7.57 -29.58
CA ASP B 290 6.50 6.49 -30.38
C ASP B 290 7.98 6.84 -30.57
N HIS B 291 8.77 6.65 -29.51
CA HIS B 291 10.19 6.99 -29.59
C HIS B 291 10.93 6.05 -30.53
N ASP B 292 12.08 6.55 -31.02
CA ASP B 292 13.10 5.69 -31.60
C ASP B 292 14.02 5.27 -30.47
N GLY B 293 13.58 4.23 -29.75
CA GLY B 293 14.26 3.79 -28.55
C GLY B 293 15.73 3.46 -28.73
N HIS B 294 16.02 2.26 -29.23
CA HIS B 294 17.38 1.80 -29.38
C HIS B 294 17.59 1.27 -30.80
N GLN B 295 18.86 1.01 -31.13
CA GLN B 295 19.23 0.41 -32.40
C GLN B 295 19.50 -1.08 -32.26
N SER B 296 18.77 -1.74 -31.35
CA SER B 296 18.84 -3.19 -31.18
C SER B 296 17.61 -3.61 -30.37
N GLU B 297 17.51 -4.90 -30.10
CA GLU B 297 16.35 -5.43 -29.38
C GLU B 297 16.26 -4.84 -27.98
N VAL B 298 15.11 -4.26 -27.66
CA VAL B 298 14.83 -3.85 -26.28
C VAL B 298 14.61 -5.11 -25.46
N THR B 299 15.58 -5.44 -24.59
CA THR B 299 15.53 -6.68 -23.82
C THR B 299 15.06 -6.47 -22.38
N ALA B 300 15.00 -5.24 -21.91
CA ALA B 300 14.55 -4.95 -20.56
C ALA B 300 13.76 -3.64 -20.57
N LEU B 301 12.81 -3.55 -19.66
CA LEU B 301 11.89 -2.40 -19.64
C LEU B 301 11.28 -2.30 -18.25
N GLN B 302 11.45 -1.15 -17.61
CA GLN B 302 10.76 -0.85 -16.36
C GLN B 302 10.08 0.51 -16.50
N PHE B 303 8.80 0.56 -16.13
CA PHE B 303 8.02 1.78 -16.27
C PHE B 303 7.30 2.08 -14.97
N LYS B 304 7.56 3.27 -14.42
CA LYS B 304 7.12 3.68 -13.08
C LYS B 304 7.08 5.20 -13.05
N ASP B 305 6.02 5.77 -12.50
CA ASP B 305 5.91 7.22 -12.26
C ASP B 305 6.32 8.00 -13.49
N ASN B 306 5.64 7.70 -14.59
CA ASN B 306 5.79 8.40 -15.87
C ASN B 306 7.25 8.46 -16.34
N ILE B 307 8.13 7.61 -15.81
CA ILE B 307 9.53 7.54 -16.25
C ILE B 307 9.80 6.14 -16.76
N VAL B 308 10.34 6.04 -17.98
CA VAL B 308 10.63 4.77 -18.62
C VAL B 308 12.15 4.59 -18.67
N VAL B 309 12.61 3.41 -18.28
CA VAL B 309 14.02 3.05 -18.39
C VAL B 309 14.11 1.75 -19.17
N SER B 310 14.86 1.76 -20.27
CA SER B 310 14.90 0.65 -21.20
C SER B 310 16.33 0.15 -21.36
N GLY B 311 16.47 -1.15 -21.52
CA GLY B 311 17.75 -1.76 -21.86
C GLY B 311 17.64 -2.46 -23.20
N ALA B 312 18.77 -2.55 -23.90
CA ALA B 312 18.79 -3.07 -25.26
C ALA B 312 19.84 -4.17 -25.39
N LYS B 313 19.83 -4.81 -26.55
CA LYS B 313 20.74 -5.92 -26.81
C LYS B 313 22.17 -5.47 -27.04
N ASP B 314 22.39 -4.22 -27.46
CA ASP B 314 23.75 -3.73 -27.63
C ASP B 314 24.38 -3.26 -26.33
N GLY B 315 23.60 -3.19 -25.25
CA GLY B 315 24.11 -2.77 -23.96
C GLY B 315 23.66 -1.40 -23.52
N THR B 316 22.93 -0.67 -24.35
CA THR B 316 22.55 0.70 -24.04
C THR B 316 21.37 0.72 -23.08
N VAL B 317 21.38 1.69 -22.17
CA VAL B 317 20.28 1.95 -21.25
C VAL B 317 19.83 3.39 -21.47
N LYS B 318 18.53 3.60 -21.59
CA LYS B 318 17.98 4.93 -21.84
C LYS B 318 16.88 5.23 -20.85
N VAL B 319 16.80 6.50 -20.44
CA VAL B 319 15.79 6.98 -19.50
C VAL B 319 14.92 8.00 -20.23
N TRP B 320 13.62 7.77 -20.25
CA TRP B 320 12.67 8.65 -20.90
C TRP B 320 11.78 9.34 -19.88
N TYR B 321 11.17 10.43 -20.31
CA TYR B 321 10.17 11.15 -19.52
C TYR B 321 8.83 11.09 -20.25
N ILE B 322 7.76 10.89 -19.47
CA ILE B 322 6.40 10.57 -19.97
C ILE B 322 6.39 9.86 -21.32
N GLY C 5 -8.29 28.79 -5.98
CA GLY C 5 -9.55 28.56 -5.29
C GLY C 5 -10.74 28.42 -6.22
N GLN C 6 -10.46 28.37 -7.52
CA GLN C 6 -11.52 28.28 -8.52
C GLN C 6 -11.29 27.07 -9.43
N GLU C 7 -12.11 26.94 -10.46
CA GLU C 7 -12.10 25.76 -11.33
C GLU C 7 -10.77 25.66 -12.08
N LEU C 8 -10.61 24.54 -12.80
CA LEU C 8 -9.44 24.28 -13.64
C LEU C 8 -9.82 24.13 -15.11
N VAL C 9 -10.78 23.26 -15.41
CA VAL C 9 -11.27 23.12 -16.77
C VAL C 9 -12.77 23.41 -16.77
N SER C 10 -13.39 23.38 -17.94
CA SER C 10 -14.82 23.65 -18.07
C SER C 10 -15.43 22.54 -18.90
N LEU C 11 -16.04 21.57 -18.22
CA LEU C 11 -16.68 20.44 -18.86
C LEU C 11 -18.12 20.76 -19.20
N GLU C 12 -18.56 20.34 -20.39
CA GLU C 12 -19.90 20.68 -20.85
C GLU C 12 -20.99 19.99 -20.04
N GLY C 13 -20.67 18.89 -19.35
CA GLY C 13 -21.66 18.20 -18.55
C GLY C 13 -22.62 17.38 -19.39
N HIS C 14 -23.73 17.02 -18.77
CA HIS C 14 -24.72 16.13 -19.37
C HIS C 14 -26.06 16.86 -19.51
N GLN C 15 -27.00 16.17 -20.15
CA GLN C 15 -28.36 16.66 -20.32
C GLN C 15 -29.27 16.30 -19.16
N SER C 16 -28.78 15.54 -18.18
CA SER C 16 -29.58 15.10 -17.05
C SER C 16 -28.71 15.09 -15.80
N ALA C 17 -29.35 14.86 -14.66
CA ALA C 17 -28.68 14.94 -13.37
C ALA C 17 -27.54 13.94 -13.28
N ILE C 18 -26.45 14.35 -12.64
CA ILE C 18 -25.28 13.50 -12.46
C ILE C 18 -25.57 12.49 -11.37
N THR C 19 -25.40 11.21 -11.69
CA THR C 19 -25.60 10.17 -10.68
C THR C 19 -24.32 9.91 -9.89
N ALA C 20 -23.20 9.70 -10.57
CA ALA C 20 -21.93 9.50 -9.91
C ALA C 20 -20.80 9.81 -10.90
N LEU C 21 -19.59 9.92 -10.37
CA LEU C 21 -18.43 10.23 -11.19
C LEU C 21 -17.18 9.73 -10.47
N ALA C 22 -16.08 9.70 -11.22
CA ALA C 22 -14.78 9.30 -10.68
C ALA C 22 -13.70 9.87 -11.58
N PHE C 23 -12.63 10.39 -10.97
CA PHE C 23 -11.53 10.99 -11.69
C PHE C 23 -10.22 10.38 -11.22
N SER C 24 -9.28 10.25 -12.16
CA SER C 24 -7.98 9.66 -11.86
C SER C 24 -7.02 10.02 -12.98
N LYS C 25 -5.92 10.70 -12.63
CA LYS C 25 -4.86 11.06 -13.57
C LYS C 25 -5.45 11.96 -14.66
N ASN C 26 -5.21 11.69 -15.94
CA ASN C 26 -5.68 12.57 -17.01
C ASN C 26 -7.09 12.21 -17.45
N ILE C 27 -7.92 11.73 -16.54
CA ILE C 27 -9.24 11.21 -16.89
C ILE C 27 -10.25 11.69 -15.86
N VAL C 28 -11.34 12.28 -16.35
CA VAL C 28 -12.53 12.57 -15.56
C VAL C 28 -13.71 11.92 -16.26
N VAL C 29 -14.52 11.16 -15.51
CA VAL C 29 -15.67 10.47 -16.07
C VAL C 29 -16.88 10.74 -15.18
N SER C 30 -17.97 11.21 -15.79
CA SER C 30 -19.20 11.50 -15.09
C SER C 30 -20.32 10.64 -15.66
N GLY C 31 -21.28 10.30 -14.80
CA GLY C 31 -22.45 9.53 -15.21
C GLY C 31 -23.72 10.28 -14.89
N ALA C 32 -24.66 10.25 -15.84
CA ALA C 32 -25.89 11.02 -15.74
C ALA C 32 -27.10 10.10 -15.69
N ALA C 33 -28.24 10.68 -15.34
CA ALA C 33 -29.47 9.92 -15.15
C ALA C 33 -30.08 9.43 -16.45
N ASP C 34 -29.68 10.00 -17.59
CA ASP C 34 -30.23 9.61 -18.88
C ASP C 34 -29.45 8.48 -19.55
N GLY C 35 -28.38 8.01 -18.93
CA GLY C 35 -27.60 6.92 -19.47
C GLY C 35 -26.28 7.32 -20.12
N THR C 36 -25.88 8.58 -20.03
CA THR C 36 -24.65 9.03 -20.65
C THR C 36 -23.46 8.81 -19.73
N ILE C 37 -22.33 8.42 -20.31
CA ILE C 37 -21.07 8.28 -19.62
C ILE C 37 -20.04 9.01 -20.46
N LYS C 38 -19.47 10.09 -19.92
CA LYS C 38 -18.59 10.97 -20.67
C LYS C 38 -17.22 11.01 -20.00
N VAL C 39 -16.18 10.74 -20.76
CA VAL C 39 -14.80 10.77 -20.28
C VAL C 39 -14.19 12.12 -20.67
N TRP C 40 -13.59 12.80 -19.70
CA TRP C 40 -13.07 14.14 -19.89
C TRP C 40 -11.56 14.19 -19.62
N ASP C 41 -10.87 15.07 -20.34
CA ASP C 41 -9.45 15.31 -20.12
C ASP C 41 -9.26 16.27 -18.95
N ILE C 42 -8.25 15.98 -18.12
CA ILE C 42 -8.07 16.76 -16.89
C ILE C 42 -7.42 18.11 -17.16
N LEU C 43 -6.65 18.24 -18.23
CA LEU C 43 -5.89 19.46 -18.48
C LEU C 43 -6.42 20.28 -19.65
N THR C 44 -7.08 19.66 -20.62
CA THR C 44 -7.67 20.38 -21.74
C THR C 44 -9.19 20.41 -21.70
N GLY C 45 -9.82 19.58 -20.87
CA GLY C 45 -11.26 19.55 -20.81
C GLY C 45 -11.96 19.03 -22.04
N GLN C 46 -11.22 18.56 -23.04
CA GLN C 46 -11.85 18.03 -24.24
C GLN C 46 -12.53 16.71 -23.93
N LEU C 47 -13.69 16.50 -24.55
CA LEU C 47 -14.55 15.37 -24.22
C LEU C 47 -14.02 14.14 -24.93
N LEU C 48 -13.44 13.21 -24.17
CA LEU C 48 -12.70 12.08 -24.73
C LEU C 48 -13.63 11.03 -25.31
N ARG C 49 -14.61 10.57 -24.52
CA ARG C 49 -15.54 9.55 -24.95
C ARG C 49 -16.97 10.03 -24.73
N ASP C 50 -17.86 9.66 -25.64
CA ASP C 50 -19.28 9.98 -25.56
C ASP C 50 -20.06 8.69 -25.72
N HIS C 51 -20.65 8.21 -24.64
CA HIS C 51 -21.37 6.94 -24.63
C HIS C 51 -22.85 7.21 -24.39
N ASP C 52 -23.68 6.90 -25.40
CA ASP C 52 -25.12 7.05 -25.26
C ASP C 52 -25.66 6.21 -24.11
N GLY C 53 -25.14 5.00 -23.96
CA GLY C 53 -25.57 4.09 -22.91
C GLY C 53 -26.40 2.94 -23.47
N HIS C 54 -26.62 1.96 -22.59
CA HIS C 54 -27.46 0.80 -22.91
C HIS C 54 -28.81 0.86 -22.20
N GLN C 55 -29.04 1.84 -21.35
CA GLN C 55 -30.31 2.00 -20.65
C GLN C 55 -30.64 3.48 -20.52
N SER C 56 -31.93 3.79 -20.49
CA SER C 56 -32.40 5.17 -20.61
C SER C 56 -32.50 5.90 -19.29
N GLU C 57 -33.00 5.26 -18.24
CA GLU C 57 -33.18 5.90 -16.94
C GLU C 57 -32.28 5.19 -15.93
N VAL C 58 -31.08 5.74 -15.73
CA VAL C 58 -30.08 5.16 -14.84
C VAL C 58 -30.37 5.64 -13.42
N THR C 59 -30.33 4.71 -12.47
CA THR C 59 -30.58 5.01 -11.07
C THR C 59 -29.36 4.87 -10.18
N ALA C 60 -28.31 4.20 -10.65
CA ALA C 60 -27.11 3.97 -9.85
C ALA C 60 -26.01 3.48 -10.79
N LEU C 61 -24.77 3.80 -10.42
CA LEU C 61 -23.62 3.26 -11.13
C LEU C 61 -22.40 3.32 -10.22
N GLN C 62 -21.34 2.63 -10.65
CA GLN C 62 -20.16 2.45 -9.83
C GLN C 62 -18.93 2.35 -10.73
N PHE C 63 -17.92 3.18 -10.48
CA PHE C 63 -16.69 3.19 -11.26
C PHE C 63 -15.59 2.47 -10.51
N LYS C 64 -14.87 1.59 -11.20
CA LYS C 64 -13.76 0.86 -10.59
C LYS C 64 -12.80 0.43 -11.69
N ASP C 65 -11.76 1.24 -11.91
CA ASP C 65 -10.62 0.88 -12.77
C ASP C 65 -11.09 0.53 -14.19
N ASN C 66 -11.49 1.58 -14.91
CA ASN C 66 -11.84 1.57 -16.32
C ASN C 66 -13.11 0.82 -16.64
N ILE C 67 -13.76 0.19 -15.66
CA ILE C 67 -15.02 -0.52 -15.90
C ILE C 67 -16.05 0.02 -14.93
N VAL C 68 -17.30 0.10 -15.39
CA VAL C 68 -18.38 0.69 -14.61
C VAL C 68 -19.61 -0.19 -14.71
N VAL C 69 -20.28 -0.39 -13.58
CA VAL C 69 -21.55 -1.11 -13.51
C VAL C 69 -22.66 -0.08 -13.33
N SER C 70 -23.79 -0.30 -13.99
CA SER C 70 -24.89 0.65 -13.96
C SER C 70 -26.22 -0.08 -13.87
N GLY C 71 -27.09 0.40 -13.00
CA GLY C 71 -28.43 -0.14 -12.85
C GLY C 71 -29.48 0.89 -13.22
N ALA C 72 -30.57 0.42 -13.80
CA ALA C 72 -31.61 1.29 -14.35
C ALA C 72 -32.95 1.02 -13.67
N LYS C 73 -33.95 1.82 -14.05
CA LYS C 73 -35.28 1.67 -13.46
C LYS C 73 -35.99 0.43 -13.97
N ASP C 74 -35.65 -0.04 -15.17
CA ASP C 74 -36.25 -1.27 -15.69
C ASP C 74 -35.69 -2.53 -15.05
N GLY C 75 -34.67 -2.40 -14.21
CA GLY C 75 -34.14 -3.54 -13.47
C GLY C 75 -32.86 -4.13 -14.03
N THR C 76 -32.38 -3.66 -15.17
CA THR C 76 -31.19 -4.23 -15.79
C THR C 76 -29.94 -3.76 -15.05
N VAL C 77 -28.97 -4.65 -14.94
CA VAL C 77 -27.64 -4.35 -14.41
C VAL C 77 -26.63 -4.65 -15.49
N LYS C 78 -25.80 -3.67 -15.83
CA LYS C 78 -24.86 -3.80 -16.95
C LYS C 78 -23.46 -3.47 -16.48
N VAL C 79 -22.49 -4.22 -17.03
CA VAL C 79 -21.07 -4.00 -16.78
C VAL C 79 -20.42 -3.75 -18.13
N TRP C 80 -19.81 -2.58 -18.30
CA TRP C 80 -19.25 -2.20 -19.59
C TRP C 80 -17.94 -1.46 -19.42
N TYR C 81 -17.14 -1.46 -20.48
CA TYR C 81 -15.85 -0.79 -20.50
C TYR C 81 -16.05 0.71 -20.66
N ILE C 82 -15.23 1.48 -19.93
CA ILE C 82 -15.38 2.94 -19.96
C ILE C 82 -14.81 3.51 -21.26
N GLY C 83 -13.87 2.81 -21.88
CA GLY C 83 -13.29 3.29 -23.13
C GLY C 83 -14.11 2.95 -24.35
N THR C 84 -14.22 1.66 -24.64
CA THR C 84 -14.96 1.23 -25.83
C THR C 84 -16.47 1.37 -25.65
N GLY C 85 -16.96 1.43 -24.41
CA GLY C 85 -18.38 1.44 -24.18
C GLY C 85 -19.07 0.12 -24.38
N GLN C 86 -18.32 -0.97 -24.57
CA GLN C 86 -18.89 -2.27 -24.83
C GLN C 86 -19.10 -3.03 -23.53
N GLU C 87 -20.20 -3.78 -23.48
CA GLU C 87 -20.54 -4.55 -22.29
C GLU C 87 -19.55 -5.70 -22.09
N LEU C 88 -19.11 -5.89 -20.85
CA LEU C 88 -18.14 -6.92 -20.53
C LEU C 88 -18.81 -8.26 -20.20
N VAL C 89 -19.86 -8.24 -19.39
CA VAL C 89 -20.63 -9.44 -19.07
C VAL C 89 -22.10 -9.08 -19.06
N SER C 90 -22.94 -10.06 -19.40
CA SER C 90 -24.38 -9.88 -19.46
C SER C 90 -25.01 -10.55 -18.24
N LEU C 91 -25.55 -9.74 -17.35
CA LEU C 91 -26.23 -10.22 -16.15
C LEU C 91 -27.74 -10.07 -16.32
N GLU C 92 -28.48 -11.02 -15.75
CA GLU C 92 -29.93 -11.02 -15.92
C GLU C 92 -30.57 -9.80 -15.26
N GLY C 93 -30.13 -9.45 -14.06
CA GLY C 93 -30.68 -8.30 -13.37
C GLY C 93 -31.82 -8.66 -12.44
N HIS C 94 -32.65 -7.67 -12.17
CA HIS C 94 -33.76 -7.79 -11.24
C HIS C 94 -35.08 -7.55 -11.97
N GLN C 95 -36.18 -7.89 -11.30
CA GLN C 95 -37.52 -7.64 -11.80
C GLN C 95 -38.16 -6.42 -11.15
N SER C 96 -37.34 -5.45 -10.74
CA SER C 96 -37.81 -4.19 -10.20
C SER C 96 -36.68 -3.18 -10.35
N ALA C 97 -36.99 -1.92 -10.04
CA ALA C 97 -36.04 -0.84 -10.24
C ALA C 97 -34.81 -1.03 -9.36
N ILE C 98 -33.63 -0.98 -10.00
CA ILE C 98 -32.37 -1.06 -9.26
C ILE C 98 -32.22 0.19 -8.41
N THR C 99 -31.92 0.00 -7.13
CA THR C 99 -31.83 1.09 -6.18
C THR C 99 -30.48 1.20 -5.48
N ALA C 100 -29.64 0.18 -5.56
CA ALA C 100 -28.35 0.20 -4.88
C ALA C 100 -27.38 -0.68 -5.65
N LEU C 101 -26.11 -0.29 -5.62
CA LEU C 101 -25.07 -0.96 -6.37
C LEU C 101 -23.77 -0.97 -5.57
N ALA C 102 -23.04 -2.08 -5.67
CA ALA C 102 -21.74 -2.21 -5.04
C ALA C 102 -20.81 -2.95 -5.99
N PHE C 103 -19.52 -2.66 -5.91
CA PHE C 103 -18.54 -3.21 -6.83
C PHE C 103 -17.20 -3.29 -6.13
N SER C 104 -16.65 -4.49 -6.03
CA SER C 104 -15.35 -4.70 -5.42
C SER C 104 -14.80 -6.04 -5.85
N LYS C 105 -13.56 -6.05 -6.34
CA LYS C 105 -12.82 -7.28 -6.64
C LYS C 105 -13.61 -8.22 -7.56
N ASN C 106 -14.10 -7.65 -8.67
CA ASN C 106 -14.84 -8.38 -9.70
C ASN C 106 -16.14 -8.98 -9.17
N ILE C 107 -16.64 -8.49 -8.04
CA ILE C 107 -17.89 -8.97 -7.46
C ILE C 107 -18.85 -7.80 -7.40
N VAL C 108 -20.00 -7.94 -8.06
CA VAL C 108 -21.00 -6.89 -8.17
C VAL C 108 -22.22 -7.29 -7.34
N VAL C 109 -22.60 -6.42 -6.41
CA VAL C 109 -23.80 -6.61 -5.58
C VAL C 109 -24.80 -5.54 -5.97
N SER C 110 -26.05 -5.95 -6.20
CA SER C 110 -27.11 -5.03 -6.57
C SER C 110 -28.31 -5.23 -5.66
N GLY C 111 -28.96 -4.11 -5.30
CA GLY C 111 -30.21 -4.14 -4.58
C GLY C 111 -31.32 -3.54 -5.43
N ALA C 112 -32.57 -3.86 -5.10
CA ALA C 112 -33.70 -3.43 -5.90
C ALA C 112 -34.73 -2.74 -5.03
N ALA C 113 -35.80 -2.24 -5.66
CA ALA C 113 -36.87 -1.55 -4.96
C ALA C 113 -37.76 -2.48 -4.17
N ASP C 114 -37.65 -3.79 -4.36
CA ASP C 114 -38.46 -4.76 -3.62
C ASP C 114 -37.66 -5.53 -2.58
N GLY C 115 -36.44 -5.08 -2.28
CA GLY C 115 -35.60 -5.77 -1.33
C GLY C 115 -34.76 -6.88 -1.88
N THR C 116 -34.79 -7.12 -3.18
CA THR C 116 -34.02 -8.19 -3.78
C THR C 116 -32.54 -7.81 -3.84
N ILE C 117 -31.69 -8.71 -3.35
CA ILE C 117 -30.24 -8.53 -3.39
C ILE C 117 -29.64 -9.67 -4.19
N LYS C 118 -28.85 -9.34 -5.20
CA LYS C 118 -28.20 -10.32 -6.06
C LYS C 118 -26.71 -10.03 -6.10
N VAL C 119 -25.91 -11.09 -6.15
CA VAL C 119 -24.46 -11.00 -6.22
C VAL C 119 -23.99 -11.76 -7.45
N TRP C 120 -23.13 -11.14 -8.25
CA TRP C 120 -22.68 -11.71 -9.50
C TRP C 120 -21.15 -11.76 -9.53
N ASP C 121 -20.62 -12.77 -10.21
CA ASP C 121 -19.19 -12.90 -10.47
C ASP C 121 -18.95 -12.46 -11.91
N ILE C 122 -18.25 -11.34 -12.09
CA ILE C 122 -17.99 -10.85 -13.44
C ILE C 122 -17.15 -11.85 -14.23
N LEU C 123 -16.12 -12.42 -13.59
CA LEU C 123 -15.29 -13.40 -14.27
C LEU C 123 -16.11 -14.61 -14.70
N THR C 124 -17.01 -15.07 -13.84
CA THR C 124 -17.90 -16.17 -14.22
C THR C 124 -19.03 -15.68 -15.13
N GLY C 125 -19.59 -14.50 -14.85
CA GLY C 125 -20.70 -13.98 -15.61
C GLY C 125 -22.06 -14.45 -15.16
N GLN C 126 -22.15 -15.16 -14.04
CA GLN C 126 -23.41 -15.69 -13.55
C GLN C 126 -23.60 -15.31 -12.09
N LEU C 127 -24.81 -15.58 -11.59
CA LEU C 127 -25.15 -15.24 -10.22
C LEU C 127 -24.34 -16.08 -9.23
N LEU C 128 -23.75 -15.41 -8.24
CA LEU C 128 -22.94 -16.09 -7.24
C LEU C 128 -23.82 -16.83 -6.24
N ARG C 129 -24.43 -16.08 -5.32
CA ARG C 129 -25.27 -16.67 -4.28
C ARG C 129 -26.60 -15.94 -4.21
N ASP C 130 -27.63 -16.68 -3.80
CA ASP C 130 -28.94 -16.10 -3.53
C ASP C 130 -29.01 -15.71 -2.06
N HIS C 131 -29.46 -14.48 -1.80
CA HIS C 131 -29.59 -13.98 -0.45
C HIS C 131 -31.01 -13.52 -0.21
N ASP C 132 -31.44 -13.56 1.05
CA ASP C 132 -32.84 -13.29 1.39
C ASP C 132 -33.23 -11.87 1.01
N GLY C 133 -32.32 -10.91 1.19
CA GLY C 133 -32.64 -9.53 0.90
C GLY C 133 -33.45 -8.90 2.02
N HIS C 134 -34.37 -8.02 1.64
CA HIS C 134 -35.23 -7.32 2.57
C HIS C 134 -36.67 -7.41 2.10
N GLN C 135 -37.59 -7.04 2.99
CA GLN C 135 -38.98 -6.85 2.65
C GLN C 135 -39.28 -5.42 2.23
N SER C 136 -38.26 -4.67 1.85
CA SER C 136 -38.40 -3.25 1.55
C SER C 136 -37.23 -2.82 0.69
N GLU C 137 -37.41 -1.70 0.00
CA GLU C 137 -36.43 -1.21 -0.96
C GLU C 137 -35.05 -1.10 -0.35
N VAL C 138 -34.07 -1.80 -0.95
CA VAL C 138 -32.69 -1.65 -0.54
C VAL C 138 -32.23 -0.23 -0.86
N THR C 139 -31.84 0.52 0.16
CA THR C 139 -31.47 1.92 -0.01
C THR C 139 -29.96 2.16 0.02
N ALA C 140 -29.18 1.23 0.57
CA ALA C 140 -27.75 1.43 0.72
C ALA C 140 -27.05 0.08 0.71
N LEU C 141 -25.89 0.02 0.08
CA LEU C 141 -25.07 -1.18 0.03
C LEU C 141 -23.63 -0.83 0.36
N GLN C 142 -22.98 -1.71 1.12
CA GLN C 142 -21.57 -1.55 1.46
C GLN C 142 -20.88 -2.90 1.26
N PHE C 143 -19.78 -2.90 0.51
CA PHE C 143 -19.11 -4.12 0.10
C PHE C 143 -17.63 -4.01 0.44
N LYS C 144 -17.13 -4.98 1.19
CA LYS C 144 -15.72 -4.97 1.61
C LYS C 144 -15.34 -6.36 2.10
N ASP C 145 -14.37 -6.99 1.45
CA ASP C 145 -13.77 -8.25 1.90
C ASP C 145 -14.83 -9.35 2.06
N ASN C 146 -15.53 -9.63 0.97
CA ASN C 146 -16.54 -10.69 0.90
C ASN C 146 -17.66 -10.49 1.92
N ILE C 147 -17.78 -9.29 2.48
CA ILE C 147 -18.82 -8.97 3.45
C ILE C 147 -19.66 -7.85 2.88
N VAL C 148 -20.96 -8.11 2.69
CA VAL C 148 -21.89 -7.13 2.15
C VAL C 148 -22.80 -6.66 3.28
N VAL C 149 -22.92 -5.33 3.42
CA VAL C 149 -23.86 -4.72 4.34
C VAL C 149 -24.91 -3.99 3.52
N SER C 150 -26.17 -4.13 3.91
CA SER C 150 -27.27 -3.56 3.14
C SER C 150 -28.27 -2.90 4.08
N GLY C 151 -28.88 -1.84 3.59
CA GLY C 151 -29.95 -1.17 4.30
C GLY C 151 -31.19 -1.10 3.43
N ALA C 152 -32.35 -1.03 4.09
CA ALA C 152 -33.63 -1.00 3.39
C ALA C 152 -34.50 0.12 3.95
N LYS C 153 -35.60 0.37 3.25
CA LYS C 153 -36.52 1.42 3.64
C LYS C 153 -37.29 1.10 4.93
N ASP C 154 -37.17 -0.11 5.46
CA ASP C 154 -37.84 -0.47 6.71
C ASP C 154 -36.97 -0.23 7.93
N GLY C 155 -35.73 0.19 7.76
CA GLY C 155 -34.81 0.38 8.85
C GLY C 155 -33.92 -0.82 9.14
N THR C 156 -34.09 -1.91 8.41
CA THR C 156 -33.34 -3.13 8.67
C THR C 156 -31.95 -3.07 8.04
N VAL C 157 -30.95 -3.50 8.80
CA VAL C 157 -29.57 -3.60 8.33
C VAL C 157 -29.14 -5.05 8.49
N LYS C 158 -28.65 -5.64 7.40
CA LYS C 158 -28.32 -7.04 7.36
C LYS C 158 -26.93 -7.25 6.77
N VAL C 159 -26.18 -8.17 7.38
CA VAL C 159 -24.80 -8.47 6.99
C VAL C 159 -24.77 -9.84 6.35
N TRP C 160 -24.16 -9.94 5.17
CA TRP C 160 -24.03 -11.19 4.45
C TRP C 160 -22.56 -11.54 4.24
N TYR C 161 -22.33 -12.80 3.87
CA TYR C 161 -20.99 -13.33 3.65
C TYR C 161 -20.96 -14.01 2.29
N ILE C 162 -20.01 -13.61 1.44
CA ILE C 162 -20.03 -14.03 0.04
C ILE C 162 -19.64 -15.50 -0.08
N GLY C 163 -18.69 -15.96 0.73
CA GLY C 163 -18.15 -17.30 0.55
C GLY C 163 -19.17 -18.39 0.78
N THR C 164 -19.96 -18.27 1.85
CA THR C 164 -20.96 -19.29 2.18
C THR C 164 -22.37 -18.90 1.76
N GLY C 165 -22.70 -17.61 1.78
CA GLY C 165 -24.01 -17.17 1.33
C GLY C 165 -25.05 -17.14 2.42
N GLN C 166 -24.64 -16.87 3.65
CA GLN C 166 -25.54 -16.83 4.79
C GLN C 166 -25.49 -15.44 5.42
N GLU C 167 -26.33 -15.26 6.45
CA GLU C 167 -26.23 -14.06 7.28
C GLU C 167 -25.08 -14.22 8.26
N LEU C 168 -24.15 -13.27 8.23
CA LEU C 168 -23.01 -13.33 9.13
C LEU C 168 -23.43 -13.07 10.57
N VAL C 169 -24.28 -12.07 10.78
CA VAL C 169 -24.74 -11.71 12.13
C VAL C 169 -26.04 -10.93 11.99
N SER C 170 -26.74 -10.73 13.11
CA SER C 170 -28.06 -10.11 13.11
C SER C 170 -27.96 -8.73 13.76
N LEU C 171 -28.35 -7.70 13.02
CA LEU C 171 -28.38 -6.33 13.50
C LEU C 171 -29.81 -5.88 13.72
N GLU C 172 -30.04 -5.12 14.79
CA GLU C 172 -31.39 -4.68 15.12
C GLU C 172 -31.90 -3.62 14.17
N GLY C 173 -31.02 -2.75 13.68
CA GLY C 173 -31.45 -1.72 12.75
C GLY C 173 -32.04 -0.51 13.45
N HIS C 174 -32.82 0.25 12.69
CA HIS C 174 -33.38 1.51 13.16
C HIS C 174 -34.91 1.46 13.08
N GLN C 175 -35.53 2.44 13.72
CA GLN C 175 -36.98 2.57 13.71
C GLN C 175 -37.50 3.32 12.50
N SER C 176 -36.62 3.85 11.65
CA SER C 176 -37.02 4.54 10.43
C SER C 176 -36.12 4.07 9.29
N ALA C 177 -36.47 4.51 8.08
CA ALA C 177 -35.80 4.04 6.88
C ALA C 177 -34.31 4.34 6.93
N ILE C 178 -33.51 3.41 6.43
CA ILE C 178 -32.07 3.60 6.32
C ILE C 178 -31.77 4.53 5.16
N THR C 179 -31.00 5.58 5.42
CA THR C 179 -30.66 6.56 4.42
C THR C 179 -29.18 6.74 4.19
N ALA C 180 -28.33 6.14 5.02
CA ALA C 180 -26.88 6.23 4.84
C ALA C 180 -26.22 5.03 5.51
N LEU C 181 -25.10 4.60 4.96
CA LEU C 181 -24.43 3.40 5.43
C LEU C 181 -22.93 3.53 5.23
N ALA C 182 -22.16 3.01 6.19
CA ALA C 182 -20.71 3.05 6.13
C ALA C 182 -20.16 1.78 6.78
N PHE C 183 -19.04 1.30 6.26
CA PHE C 183 -18.48 0.02 6.71
C PHE C 183 -16.98 0.00 6.44
N SER C 184 -16.20 -0.19 7.50
CA SER C 184 -14.75 -0.33 7.35
C SER C 184 -14.19 -0.97 8.62
N LYS C 185 -13.40 -2.03 8.46
CA LYS C 185 -12.71 -2.70 9.56
C LYS C 185 -13.71 -3.28 10.58
N ASN C 186 -14.59 -4.14 10.07
CA ASN C 186 -15.46 -4.98 10.91
C ASN C 186 -16.38 -4.13 11.80
N ILE C 187 -16.85 -3.00 11.27
CA ILE C 187 -17.73 -2.14 12.03
C ILE C 187 -18.57 -1.32 11.05
N VAL C 188 -19.84 -1.16 11.37
CA VAL C 188 -20.83 -0.58 10.46
C VAL C 188 -21.45 0.65 11.13
N VAL C 189 -21.56 1.72 10.36
CA VAL C 189 -22.31 2.91 10.77
C VAL C 189 -23.50 3.05 9.84
N SER C 190 -24.68 3.29 10.41
CA SER C 190 -25.91 3.41 9.64
C SER C 190 -26.67 4.64 10.09
N GLY C 191 -27.26 5.34 9.12
CA GLY C 191 -28.08 6.50 9.40
C GLY C 191 -29.52 6.25 8.99
N ALA C 192 -30.44 6.91 9.69
CA ALA C 192 -31.86 6.72 9.45
C ALA C 192 -32.54 8.07 9.29
N ALA C 193 -33.72 8.03 8.66
CA ALA C 193 -34.46 9.25 8.38
C ALA C 193 -34.88 9.99 9.64
N ASP C 194 -34.86 9.34 10.79
CA ASP C 194 -35.19 10.01 12.05
C ASP C 194 -33.97 10.69 12.68
N GLY C 195 -32.82 10.66 12.01
CA GLY C 195 -31.62 11.28 12.53
C GLY C 195 -30.79 10.40 13.44
N THR C 196 -31.19 9.15 13.64
CA THR C 196 -30.47 8.26 14.54
C THR C 196 -29.29 7.60 13.81
N ILE C 197 -28.15 7.56 14.49
CA ILE C 197 -26.94 6.94 13.96
C ILE C 197 -26.52 5.84 14.90
N LYS C 198 -26.34 4.63 14.37
CA LYS C 198 -26.01 3.45 15.15
C LYS C 198 -24.73 2.80 14.64
N VAL C 199 -23.87 2.41 15.58
CA VAL C 199 -22.60 1.78 15.28
C VAL C 199 -22.71 0.30 15.65
N TRP C 200 -22.31 -0.57 14.73
CA TRP C 200 -22.50 -2.01 14.88
C TRP C 200 -21.17 -2.73 14.81
N ASP C 201 -20.90 -3.58 15.81
CA ASP C 201 -19.77 -4.50 15.76
C ASP C 201 -20.13 -5.66 14.83
N ILE C 202 -19.40 -5.81 13.73
CA ILE C 202 -19.73 -6.83 12.74
C ILE C 202 -19.41 -8.22 13.27
N LEU C 203 -18.32 -8.33 14.04
CA LEU C 203 -17.93 -9.64 14.55
C LEU C 203 -18.96 -10.20 15.52
N THR C 204 -19.58 -9.35 16.34
CA THR C 204 -20.51 -9.78 17.36
C THR C 204 -21.94 -9.34 17.14
N GLY C 205 -22.20 -8.48 16.17
CA GLY C 205 -23.56 -8.03 15.91
C GLY C 205 -24.18 -7.19 16.99
N GLN C 206 -23.37 -6.65 17.90
CA GLN C 206 -23.87 -5.86 19.02
C GLN C 206 -23.78 -4.37 18.70
N LEU C 207 -24.74 -3.63 19.24
CA LEU C 207 -24.76 -2.17 19.10
C LEU C 207 -23.72 -1.58 20.04
N LEU C 208 -22.62 -1.09 19.48
CA LEU C 208 -21.56 -0.53 20.33
C LEU C 208 -22.04 0.71 21.06
N ARG C 209 -22.84 1.54 20.41
CA ARG C 209 -23.39 2.74 21.04
C ARG C 209 -24.43 3.36 20.11
N ASP C 210 -25.31 4.17 20.70
CA ASP C 210 -26.24 5.00 19.96
C ASP C 210 -25.65 6.41 19.87
N HIS C 211 -25.15 6.77 18.69
CA HIS C 211 -24.59 8.10 18.50
C HIS C 211 -25.66 9.16 18.75
N ASP C 212 -25.20 10.35 19.16
CA ASP C 212 -26.14 11.44 19.42
C ASP C 212 -26.97 11.77 18.18
N GLY C 213 -26.45 11.48 17.00
CA GLY C 213 -27.19 11.69 15.77
C GLY C 213 -27.47 13.15 15.49
N HIS C 214 -28.28 13.37 14.47
CA HIS C 214 -28.71 14.70 14.06
C HIS C 214 -30.19 14.88 14.38
N GLN C 215 -30.63 16.14 14.35
N GLN C 215 -30.62 16.15 14.34
CA GLN C 215 -32.02 16.47 14.56
CA GLN C 215 -32.02 16.48 14.56
C GLN C 215 -32.88 16.24 13.33
C GLN C 215 -32.87 16.29 13.32
N SER C 216 -32.28 15.88 12.19
CA SER C 216 -33.01 15.65 10.96
C SER C 216 -32.44 14.41 10.28
N GLU C 217 -33.06 14.01 9.18
CA GLU C 217 -32.66 12.82 8.45
C GLU C 217 -31.17 12.85 8.12
N VAL C 218 -30.50 11.73 8.39
CA VAL C 218 -29.09 11.57 8.03
C VAL C 218 -29.01 11.25 6.55
N THR C 219 -28.32 12.09 5.79
CA THR C 219 -28.27 11.97 4.34
C THR C 219 -26.93 11.53 3.79
N ALA C 220 -25.89 11.48 4.62
CA ALA C 220 -24.55 11.15 4.14
C ALA C 220 -23.70 10.65 5.29
N LEU C 221 -22.88 9.64 5.01
CA LEU C 221 -21.95 9.08 5.98
C LEU C 221 -20.61 8.83 5.31
N GLN C 222 -19.54 9.29 5.93
CA GLN C 222 -18.18 8.99 5.49
C GLN C 222 -17.43 8.38 6.67
N PHE C 223 -16.75 7.26 6.42
CA PHE C 223 -16.10 6.50 7.48
C PHE C 223 -14.71 6.12 7.00
N LYS C 224 -13.69 6.65 7.66
CA LYS C 224 -12.30 6.41 7.25
C LYS C 224 -11.40 6.67 8.45
N ASP C 225 -10.56 5.69 8.78
CA ASP C 225 -9.52 5.83 9.80
C ASP C 225 -10.09 6.27 11.15
N ASN C 226 -11.15 5.59 11.59
CA ASN C 226 -11.79 5.76 12.89
C ASN C 226 -12.49 7.10 13.05
N ILE C 227 -12.63 7.89 11.99
CA ILE C 227 -13.35 9.16 12.04
C ILE C 227 -14.54 9.06 11.11
N VAL C 228 -15.72 9.44 11.62
CA VAL C 228 -16.95 9.42 10.85
C VAL C 228 -17.39 10.85 10.59
N VAL C 229 -17.82 11.11 9.36
CA VAL C 229 -18.41 12.39 8.98
C VAL C 229 -19.84 12.12 8.54
N SER C 230 -20.80 12.74 9.21
CA SER C 230 -22.21 12.49 8.98
C SER C 230 -22.90 13.80 8.62
N GLY C 231 -23.64 13.78 7.51
CA GLY C 231 -24.42 14.94 7.09
C GLY C 231 -25.89 14.72 7.31
N ALA C 232 -26.66 15.81 7.39
CA ALA C 232 -28.08 15.72 7.69
C ALA C 232 -28.85 16.70 6.82
N LYS C 233 -30.18 16.52 6.81
CA LYS C 233 -31.07 17.35 6.01
C LYS C 233 -31.18 18.78 6.52
N ASP C 234 -30.69 19.06 7.73
CA ASP C 234 -30.71 20.40 8.29
C ASP C 234 -29.42 21.17 8.03
N GLY C 235 -28.53 20.62 7.22
CA GLY C 235 -27.28 21.28 6.90
C GLY C 235 -26.14 21.01 7.86
N THR C 236 -26.39 20.31 8.96
CA THR C 236 -25.33 20.02 9.91
C THR C 236 -24.38 18.96 9.36
N VAL C 237 -23.09 19.15 9.63
CA VAL C 237 -22.07 18.16 9.32
C VAL C 237 -21.27 17.93 10.60
N LYS C 238 -21.21 16.69 11.05
CA LYS C 238 -20.54 16.34 12.29
C LYS C 238 -19.34 15.46 12.01
N VAL C 239 -18.28 15.66 12.80
CA VAL C 239 -17.03 14.90 12.69
C VAL C 239 -16.78 14.31 14.07
N TRP C 240 -16.85 12.98 14.16
CA TRP C 240 -16.75 12.33 15.47
C TRP C 240 -15.88 11.09 15.39
N TYR C 241 -15.49 10.60 16.56
CA TYR C 241 -14.63 9.44 16.71
C TYR C 241 -15.49 8.18 16.84
N ILE C 242 -15.10 7.12 16.12
CA ILE C 242 -15.95 5.94 16.05
C ILE C 242 -16.05 5.24 17.41
N GLY C 243 -15.00 5.31 18.23
CA GLY C 243 -15.00 4.54 19.47
C GLY C 243 -15.86 5.14 20.56
N THR C 244 -16.02 6.45 20.58
CA THR C 244 -16.81 7.12 21.60
C THR C 244 -18.00 7.89 21.06
N GLY C 245 -18.05 8.17 19.75
CA GLY C 245 -19.10 9.01 19.23
C GLY C 245 -19.02 10.45 19.68
N GLN C 246 -17.85 10.89 20.16
CA GLN C 246 -17.68 12.24 20.65
C GLN C 246 -17.17 13.15 19.54
N GLU C 247 -17.59 14.42 19.60
CA GLU C 247 -17.26 15.37 18.55
C GLU C 247 -15.77 15.70 18.56
N LEU C 248 -15.14 15.57 17.39
CA LEU C 248 -13.74 15.95 17.24
C LEU C 248 -13.61 17.45 17.01
N VAL C 249 -14.21 17.95 15.92
CA VAL C 249 -14.26 19.37 15.62
C VAL C 249 -15.71 19.71 15.30
N SER C 250 -16.03 21.00 15.40
CA SER C 250 -17.37 21.50 15.11
C SER C 250 -17.36 22.21 13.77
N LEU C 251 -18.18 21.73 12.84
CA LEU C 251 -18.34 22.35 11.53
C LEU C 251 -19.62 23.18 11.52
N GLU C 252 -19.52 24.40 11.02
CA GLU C 252 -20.70 25.25 10.90
C GLU C 252 -21.69 24.70 9.88
N GLY C 253 -21.23 23.88 8.94
CA GLY C 253 -22.11 23.23 7.99
C GLY C 253 -22.72 24.21 6.99
N HIS C 254 -23.83 23.78 6.39
CA HIS C 254 -24.58 24.56 5.42
C HIS C 254 -25.91 24.98 6.02
N GLN C 255 -26.59 25.88 5.31
CA GLN C 255 -27.97 26.21 5.60
C GLN C 255 -28.93 25.34 4.81
N SER C 256 -28.44 24.62 3.81
CA SER C 256 -29.25 23.73 2.98
C SER C 256 -28.93 22.28 3.34
N ALA C 257 -29.84 21.38 2.94
CA ALA C 257 -29.69 19.97 3.25
C ALA C 257 -28.42 19.40 2.65
N ILE C 258 -27.69 18.63 3.44
CA ILE C 258 -26.50 17.94 2.94
C ILE C 258 -26.92 16.84 1.99
N THR C 259 -26.30 16.78 0.81
CA THR C 259 -26.63 15.80 -0.20
C THR C 259 -25.45 14.96 -0.64
N ALA C 260 -24.23 15.34 -0.30
CA ALA C 260 -23.05 14.59 -0.72
C ALA C 260 -21.90 14.92 0.22
N LEU C 261 -21.04 13.92 0.43
CA LEU C 261 -19.86 14.09 1.27
C LEU C 261 -18.70 13.37 0.63
N ALA C 262 -17.50 13.90 0.88
CA ALA C 262 -16.26 13.26 0.50
C ALA C 262 -15.29 13.40 1.66
N PHE C 263 -14.34 12.47 1.75
CA PHE C 263 -13.41 12.44 2.88
C PHE C 263 -12.11 11.83 2.39
N SER C 264 -11.09 12.67 2.22
CA SER C 264 -9.76 12.22 1.81
C SER C 264 -8.74 12.85 2.74
N LYS C 265 -7.98 12.00 3.43
CA LYS C 265 -6.97 12.42 4.39
C LYS C 265 -7.56 13.31 5.47
N ASN C 266 -7.20 14.60 5.49
CA ASN C 266 -7.66 15.52 6.52
C ASN C 266 -8.70 16.51 6.02
N ILE C 267 -9.27 16.29 4.84
CA ILE C 267 -10.17 17.24 4.21
C ILE C 267 -11.50 16.56 3.95
N VAL C 268 -12.60 17.22 4.30
CA VAL C 268 -13.95 16.75 4.01
C VAL C 268 -14.66 17.79 3.15
N VAL C 269 -15.26 17.34 2.07
CA VAL C 269 -15.96 18.20 1.12
C VAL C 269 -17.45 17.88 1.21
N SER C 270 -18.25 18.89 1.53
CA SER C 270 -19.69 18.73 1.66
C SER C 270 -20.41 19.48 0.54
N GLY C 271 -21.46 18.86 0.02
CA GLY C 271 -22.32 19.49 -0.96
C GLY C 271 -23.74 19.56 -0.43
N ALA C 272 -24.46 20.61 -0.83
CA ALA C 272 -25.79 20.87 -0.32
C ALA C 272 -26.80 20.92 -1.46
N ALA C 273 -28.08 20.99 -1.08
CA ALA C 273 -29.16 21.03 -2.04
C ALA C 273 -29.28 22.37 -2.77
N ASP C 274 -28.52 23.39 -2.36
CA ASP C 274 -28.56 24.69 -2.99
C ASP C 274 -27.39 24.93 -3.94
N GLY C 275 -26.55 23.92 -4.16
CA GLY C 275 -25.38 24.06 -5.00
C GLY C 275 -24.10 24.42 -4.28
N THR C 276 -24.18 24.84 -3.03
CA THR C 276 -23.00 25.25 -2.28
C THR C 276 -22.13 24.04 -1.96
N ILE C 277 -20.82 24.20 -2.12
CA ILE C 277 -19.83 23.18 -1.82
C ILE C 277 -18.81 23.78 -0.86
N LYS C 278 -18.68 23.19 0.32
CA LYS C 278 -17.76 23.68 1.34
C LYS C 278 -16.65 22.66 1.55
N VAL C 279 -15.48 23.16 1.92
CA VAL C 279 -14.28 22.36 2.12
C VAL C 279 -13.74 22.65 3.52
N TRP C 280 -13.51 21.59 4.30
CA TRP C 280 -13.18 21.73 5.70
C TRP C 280 -11.84 21.07 6.02
N ASP C 281 -11.27 21.47 7.16
CA ASP C 281 -10.07 20.87 7.72
C ASP C 281 -10.49 20.05 8.93
N ILE C 282 -10.27 18.73 8.86
CA ILE C 282 -10.70 17.83 9.92
C ILE C 282 -9.97 18.09 11.23
N LEU C 283 -8.83 18.79 11.17
CA LEU C 283 -8.02 19.02 12.36
C LEU C 283 -8.41 20.28 13.11
N THR C 284 -9.02 21.26 12.44
CA THR C 284 -9.42 22.50 13.07
C THR C 284 -10.92 22.80 12.95
N GLY C 285 -11.61 22.21 11.98
CA GLY C 285 -13.00 22.54 11.75
C GLY C 285 -13.22 23.86 11.03
N GLN C 286 -12.17 24.45 10.47
CA GLN C 286 -12.26 25.77 9.85
C GLN C 286 -12.59 25.62 8.36
N LEU C 287 -13.40 26.54 7.86
CA LEU C 287 -13.82 26.54 6.46
C LEU C 287 -12.64 26.92 5.58
N LEU C 288 -12.11 25.95 4.83
CA LEU C 288 -11.01 26.22 3.91
C LEU C 288 -11.50 26.97 2.67
N ARG C 289 -12.39 26.33 1.91
CA ARG C 289 -13.06 26.95 0.78
C ARG C 289 -14.56 26.73 0.92
N ASP C 290 -15.33 27.62 0.30
CA ASP C 290 -16.75 27.38 0.12
C ASP C 290 -17.24 28.21 -1.06
N HIS C 291 -17.91 27.55 -1.99
CA HIS C 291 -18.40 28.19 -3.21
C HIS C 291 -19.92 28.04 -3.28
N ASP C 292 -20.51 28.78 -4.21
CA ASP C 292 -21.88 28.55 -4.65
C ASP C 292 -21.89 27.90 -6.03
N GLY C 293 -20.91 27.02 -6.25
CA GLY C 293 -20.59 26.43 -7.54
C GLY C 293 -21.75 26.13 -8.47
N HIS C 294 -22.59 25.17 -8.10
CA HIS C 294 -23.68 24.74 -8.97
C HIS C 294 -24.94 25.55 -8.69
N GLN C 295 -25.79 25.63 -9.71
N GLN C 295 -25.78 25.66 -9.71
CA GLN C 295 -27.08 26.30 -9.61
CA GLN C 295 -27.08 26.31 -9.56
C GLN C 295 -28.22 25.33 -9.33
C GLN C 295 -28.21 25.29 -9.43
N SER C 296 -27.90 24.12 -8.85
CA SER C 296 -28.91 23.11 -8.54
C SER C 296 -28.30 22.17 -7.51
N GLU C 297 -29.06 21.13 -7.15
CA GLU C 297 -28.63 20.20 -6.12
C GLU C 297 -27.33 19.50 -6.51
N VAL C 298 -26.34 19.59 -5.63
CA VAL C 298 -25.12 18.80 -5.79
C VAL C 298 -25.48 17.33 -5.56
N THR C 299 -25.40 16.52 -6.61
CA THR C 299 -25.80 15.12 -6.52
C THR C 299 -24.62 14.16 -6.40
N ALA C 300 -23.40 14.62 -6.67
CA ALA C 300 -22.24 13.74 -6.65
C ALA C 300 -20.99 14.54 -6.26
N LEU C 301 -20.09 13.89 -5.53
CA LEU C 301 -18.88 14.53 -5.03
C LEU C 301 -17.76 13.50 -4.93
N GLN C 302 -16.61 13.82 -5.52
CA GLN C 302 -15.40 13.04 -5.39
C GLN C 302 -14.23 14.00 -5.33
N PHE C 303 -13.22 13.70 -4.50
CA PHE C 303 -12.07 14.58 -4.44
C PHE C 303 -10.85 13.84 -3.93
N LYS C 304 -9.70 14.16 -4.52
CA LYS C 304 -8.41 13.58 -4.18
C LYS C 304 -7.32 14.52 -4.68
N ASP C 305 -6.30 14.73 -3.85
CA ASP C 305 -5.13 15.53 -4.22
C ASP C 305 -5.51 16.97 -4.54
N ASN C 306 -6.26 17.59 -3.61
CA ASN C 306 -6.67 18.99 -3.71
C ASN C 306 -7.50 19.29 -4.95
N ILE C 307 -8.04 18.26 -5.59
CA ILE C 307 -8.91 18.41 -6.76
C ILE C 307 -10.28 17.89 -6.39
N VAL C 308 -11.28 18.76 -6.44
CA VAL C 308 -12.67 18.41 -6.16
C VAL C 308 -13.43 18.35 -7.47
N VAL C 309 -14.08 17.22 -7.74
CA VAL C 309 -14.92 17.06 -8.91
C VAL C 309 -16.34 16.80 -8.43
N SER C 310 -17.27 17.70 -8.78
CA SER C 310 -18.63 17.65 -8.29
C SER C 310 -19.62 17.62 -9.46
N GLY C 311 -20.75 16.98 -9.23
CA GLY C 311 -21.83 16.96 -10.20
C GLY C 311 -23.10 17.52 -9.58
N ALA C 312 -24.05 17.96 -10.41
CA ALA C 312 -25.25 18.60 -9.91
C ALA C 312 -26.48 18.05 -10.63
N LYS C 313 -27.64 18.50 -10.15
CA LYS C 313 -28.91 18.03 -10.71
C LYS C 313 -29.15 18.58 -12.11
N ASP C 314 -28.58 19.75 -12.43
CA ASP C 314 -28.74 20.34 -13.75
C ASP C 314 -27.88 19.67 -14.80
N GLY C 315 -27.04 18.70 -14.42
CA GLY C 315 -26.16 18.03 -15.34
C GLY C 315 -24.77 18.62 -15.42
N THR C 316 -24.47 19.66 -14.65
CA THR C 316 -23.18 20.32 -14.72
C THR C 316 -22.13 19.56 -13.91
N VAL C 317 -20.92 19.50 -14.45
CA VAL C 317 -19.79 18.85 -13.81
C VAL C 317 -18.64 19.84 -13.72
N LYS C 318 -18.22 20.14 -12.50
CA LYS C 318 -17.17 21.12 -12.25
C LYS C 318 -16.01 20.48 -11.50
N VAL C 319 -14.80 20.94 -11.81
CA VAL C 319 -13.60 20.55 -11.08
C VAL C 319 -13.07 21.79 -10.35
N TRP C 320 -12.47 21.55 -9.18
CA TRP C 320 -11.97 22.63 -8.34
C TRP C 320 -10.53 22.38 -7.98
N TYR C 321 -9.79 23.46 -7.73
CA TYR C 321 -8.38 23.40 -7.38
C TYR C 321 -8.18 23.80 -5.93
N ILE C 322 -7.14 23.22 -5.32
CA ILE C 322 -6.78 23.38 -3.91
C ILE C 322 -7.98 23.61 -3.00
C1 GOL D . 10.19 4.18 22.99
O1 GOL D . 10.91 3.18 23.64
C2 GOL D . 8.87 3.53 22.52
O2 GOL D . 8.99 2.17 22.35
C3 GOL D . 8.52 4.26 21.19
O3 GOL D . 7.13 4.38 21.15
C1 GOL E . 17.40 4.27 17.73
O1 GOL E . 17.95 4.02 16.47
C2 GOL E . 17.99 5.62 18.22
O2 GOL E . 17.50 6.69 17.50
C3 GOL E . 17.60 5.70 19.73
O3 GOL E . 18.53 6.54 20.34
C1 GOL F . -24.89 3.07 -6.08
O1 GOL F . -23.62 2.86 -5.56
C2 GOL F . -25.89 2.88 -4.92
O2 GOL F . -25.30 3.06 -3.68
C3 GOL F . -27.02 3.91 -5.18
O3 GOL F . -27.85 3.89 -4.06
C1 GOL G . -21.89 10.85 1.05
O1 GOL G . -20.78 10.02 1.13
C2 GOL G . -22.48 10.73 -0.38
O2 GOL G . -21.82 11.53 -1.28
C3 GOL G . -23.97 11.11 -0.22
O3 GOL G . -24.53 11.14 -1.49
#